data_6MRV
#
_entry.id   6MRV
#
_cell.length_a   92.040
_cell.length_b   116.700
_cell.length_c   113.636
_cell.angle_alpha   90.000
_cell.angle_beta   106.338
_cell.angle_gamma   90.000
#
_symmetry.space_group_name_H-M   'I 1 2 1'
#
loop_
_entity.id
_entity.type
_entity.pdbx_description
1 polymer Sialidase26
2 non-polymer '2-DEOXY-2,3-DEHYDRO-N-ACETYL-NEURAMINIC ACID'
3 water water
#
_entity_poly.entity_id   1
_entity_poly.type   'polypeptide(L)'
_entity_poly.pdbx_seq_one_letter_code
;MKKNLFLSIIFSFCVILQAFASDTVFVRETQIPVLIERQDNVLFMLRLNAKESHTLDEVVLNFGKDVNMSDIQSVKLYYS
GTEARQNYGKNFFAPVSYISSHTPGKTLAANPSYSINKSQVNNPKRKVALKANQKLFPGINYFWISLQMKPDASLLDKVA
AKIAAIKVDNKEALMHTVSPENIVHRVGVGVRHAGDDGSASFRIPGLVTTNKGTLLGVYDVRYNNSADLQEHVDIGLSRS
VDGGKTWEKMRLPLAFGETGDLPAAQNGVGDPSILVDTKTNTVWVVAAWTHGMGNQRAWWSSYPGMDMNHTAQLVLSKST
DDGKTWSKPINITEQVKDPSWYFLLQGPGRGITMQDGTLVFPIQFIDSTRVPNAGIMYSKDRGETWKIHNYARTNTTEAQ
VAEVEPGVLMLNMRDNRGGSRAISTTKDLGKTWTEHSSSRKALQEPVCMASLISVKAKDNVLNKDILLFSNPNTVKGRHH
ITIKASLDGGVTWLPEHQVMLDEGEGWGYSCLTMIDKETIGILYESSVAHMTFQAVQLRDIIKHHHHHHHHHH
;
_entity_poly.pdbx_strand_id   B,A
#
# COMPACT_ATOMS: atom_id res chain seq x y z
N SER A 22 -11.16 -2.26 42.30
CA SER A 22 -10.38 -3.39 41.80
C SER A 22 -10.46 -3.44 40.27
N ASP A 23 -9.38 -3.93 39.65
CA ASP A 23 -9.29 -3.99 38.20
C ASP A 23 -10.17 -5.09 37.63
N THR A 24 -10.66 -4.88 36.42
CA THR A 24 -11.49 -5.86 35.72
C THR A 24 -10.92 -6.10 34.32
N VAL A 25 -10.85 -7.38 33.93
CA VAL A 25 -10.45 -7.75 32.58
C VAL A 25 -11.69 -7.83 31.71
N PHE A 26 -11.78 -6.96 30.72
CA PHE A 26 -12.88 -6.99 29.77
C PHE A 26 -12.53 -7.88 28.59
N VAL A 27 -13.51 -8.65 28.13
CA VAL A 27 -13.31 -9.67 27.11
C VAL A 27 -14.28 -9.41 25.97
N ARG A 28 -13.76 -9.44 24.74
CA ARG A 28 -14.58 -9.37 23.54
C ARG A 28 -14.24 -10.56 22.65
N GLU A 29 -15.21 -11.46 22.49
CA GLU A 29 -15.07 -12.59 21.58
C GLU A 29 -15.31 -12.12 20.15
N THR A 30 -14.50 -12.64 19.22
CA THR A 30 -14.63 -12.25 17.83
C THR A 30 -15.69 -13.09 17.12
N GLN A 31 -16.18 -12.58 15.99
CA GLN A 31 -17.09 -13.30 15.10
C GLN A 31 -16.56 -13.12 13.68
N ILE A 32 -15.50 -13.85 13.37
CA ILE A 32 -14.87 -13.84 12.04
C ILE A 32 -14.45 -15.24 11.68
N PRO A 33 -14.23 -15.51 10.39
CA PRO A 33 -13.87 -16.87 9.99
C PRO A 33 -12.52 -17.29 10.55
N VAL A 34 -12.45 -18.53 11.00
CA VAL A 34 -11.21 -19.17 11.42
C VAL A 34 -10.65 -19.90 10.21
N LEU A 35 -9.63 -19.32 9.57
CA LEU A 35 -9.06 -19.93 8.37
C LEU A 35 -8.23 -21.15 8.75
N ILE A 36 -8.51 -22.27 8.08
CA ILE A 36 -7.88 -23.53 8.44
C ILE A 36 -6.38 -23.48 8.20
N GLU A 37 -5.95 -22.84 7.11
CA GLU A 37 -4.54 -22.78 6.74
C GLU A 37 -3.76 -21.68 7.45
N ARG A 38 -4.42 -20.83 8.23
CA ARG A 38 -3.73 -19.78 8.96
C ARG A 38 -2.95 -20.36 10.15
N GLN A 39 -1.83 -19.72 10.46
CA GLN A 39 -1.09 -20.04 11.67
C GLN A 39 -1.69 -19.37 12.89
N ASP A 40 -2.48 -18.32 12.70
CA ASP A 40 -3.15 -17.62 13.80
C ASP A 40 -4.55 -17.21 13.35
N ASN A 41 -5.48 -17.18 14.31
CA ASN A 41 -6.81 -16.61 14.12
C ASN A 41 -7.22 -15.98 15.44
N VAL A 42 -7.70 -14.74 15.39
CA VAL A 42 -8.08 -14.04 16.62
C VAL A 42 -9.40 -14.61 17.12
N LEU A 43 -9.38 -15.20 18.32
CA LEU A 43 -10.56 -15.78 18.95
C LEU A 43 -11.15 -14.88 20.02
N PHE A 44 -10.32 -14.39 20.95
CA PHE A 44 -10.74 -13.46 21.99
C PHE A 44 -9.76 -12.29 22.06
N MET A 45 -10.28 -11.12 22.42
CA MET A 45 -9.45 -9.98 22.80
C MET A 45 -9.73 -9.64 24.26
N LEU A 46 -8.68 -9.24 24.97
CA LEU A 46 -8.76 -8.91 26.39
C LEU A 46 -8.16 -7.53 26.62
N ARG A 47 -8.84 -6.72 27.43
CA ARG A 47 -8.37 -5.40 27.83
C ARG A 47 -8.35 -5.30 29.34
N LEU A 48 -7.20 -4.93 29.91
CA LEU A 48 -7.04 -4.75 31.35
C LEU A 48 -6.40 -3.40 31.60
N ASN A 49 -7.13 -2.47 32.19
CA ASN A 49 -6.55 -1.22 32.65
C ASN A 49 -5.97 -1.46 34.03
N ALA A 50 -4.64 -1.51 34.11
CA ALA A 50 -3.95 -1.97 35.33
C ALA A 50 -3.69 -0.79 36.26
N LYS A 51 -4.75 -0.35 36.92
CA LYS A 51 -4.60 0.67 37.96
C LYS A 51 -3.92 0.09 39.21
N GLU A 52 -4.15 -1.18 39.50
CA GLU A 52 -3.53 -1.84 40.65
C GLU A 52 -2.79 -3.13 40.30
N SER A 53 -3.08 -3.74 39.16
CA SER A 53 -2.48 -5.02 38.80
C SER A 53 -1.05 -4.84 38.34
N HIS A 54 -0.23 -5.86 38.61
CA HIS A 54 1.17 -5.84 38.22
C HIS A 54 1.52 -6.92 37.21
N THR A 55 0.95 -8.12 37.35
CA THR A 55 1.33 -9.26 36.50
C THR A 55 0.10 -10.07 36.16
N LEU A 56 -0.04 -10.43 34.89
CA LEU A 56 -1.04 -11.39 34.45
C LEU A 56 -0.38 -12.76 34.37
N ASP A 57 -0.88 -13.71 35.15
CA ASP A 57 -0.26 -15.02 35.32
C ASP A 57 -0.78 -16.04 34.30
N GLU A 58 -2.10 -16.13 34.12
CA GLU A 58 -2.60 -17.15 33.23
C GLU A 58 -4.02 -16.83 32.79
N VAL A 59 -4.42 -17.49 31.71
CA VAL A 59 -5.79 -17.49 31.22
C VAL A 59 -6.22 -18.95 31.05
N VAL A 60 -7.40 -19.29 31.57
CA VAL A 60 -7.94 -20.63 31.44
C VAL A 60 -9.11 -20.59 30.46
N LEU A 61 -9.11 -21.52 29.51
CA LEU A 61 -10.07 -21.57 28.41
C LEU A 61 -10.70 -22.95 28.43
N ASN A 62 -12.02 -23.01 28.18
CA ASN A 62 -12.71 -24.28 27.98
C ASN A 62 -13.41 -24.23 26.63
N PHE A 63 -13.08 -25.16 25.75
CA PHE A 63 -13.86 -25.33 24.53
C PHE A 63 -15.17 -26.02 24.86
N GLY A 64 -16.18 -25.76 24.02
CA GLY A 64 -17.47 -26.38 24.23
C GLY A 64 -17.42 -27.89 24.10
N LYS A 65 -18.41 -28.55 24.69
CA LYS A 65 -18.39 -30.01 24.78
C LYS A 65 -18.41 -30.67 23.40
N ASP A 66 -18.97 -30.01 22.38
CA ASP A 66 -19.07 -30.61 21.05
C ASP A 66 -17.90 -30.27 20.15
N VAL A 67 -16.95 -29.47 20.59
CA VAL A 67 -15.81 -29.12 19.75
C VAL A 67 -14.98 -30.37 19.48
N ASN A 68 -14.61 -30.57 18.21
CA ASN A 68 -13.71 -31.66 17.84
C ASN A 68 -12.28 -31.21 18.10
N MET A 69 -11.73 -31.59 19.25
CA MET A 69 -10.41 -31.13 19.63
C MET A 69 -9.32 -31.67 18.71
N SER A 70 -9.53 -32.86 18.12
CA SER A 70 -8.52 -33.43 17.25
C SER A 70 -8.30 -32.63 15.99
N ASP A 71 -9.18 -31.66 15.69
CA ASP A 71 -9.03 -30.78 14.54
C ASP A 71 -8.34 -29.47 14.90
N ILE A 72 -7.88 -29.31 16.13
CA ILE A 72 -7.27 -28.07 16.60
C ILE A 72 -5.79 -28.33 16.81
N GLN A 73 -4.96 -27.47 16.21
CA GLN A 73 -3.51 -27.64 16.27
C GLN A 73 -2.91 -26.93 17.48
N SER A 74 -3.32 -25.69 17.75
CA SER A 74 -2.75 -24.99 18.89
C SER A 74 -3.65 -23.86 19.34
N VAL A 75 -3.43 -23.46 20.59
CA VAL A 75 -4.05 -22.28 21.19
C VAL A 75 -2.93 -21.42 21.77
N LYS A 76 -2.99 -20.12 21.57
CA LYS A 76 -1.89 -19.24 21.93
C LYS A 76 -2.41 -18.01 22.65
N LEU A 77 -1.63 -17.52 23.60
CA LEU A 77 -1.89 -16.26 24.27
C LEU A 77 -0.80 -15.27 23.88
N TYR A 78 -1.24 -14.14 23.31
CA TYR A 78 -0.42 -13.03 22.86
C TYR A 78 -0.63 -11.81 23.74
N TYR A 79 0.43 -11.05 23.94
CA TYR A 79 0.39 -9.73 24.56
C TYR A 79 0.73 -8.69 23.50
N SER A 80 -0.09 -7.64 23.41
CA SER A 80 0.05 -6.65 22.34
C SER A 80 0.22 -5.24 22.88
N GLY A 81 0.61 -5.11 24.15
CA GLY A 81 1.05 -3.84 24.69
C GLY A 81 -0.04 -2.94 25.20
N THR A 82 0.13 -1.64 25.01
CA THR A 82 -0.78 -0.66 25.58
C THR A 82 -1.46 0.17 24.49
N GLU A 83 -2.06 1.28 24.90
CA GLU A 83 -2.89 2.12 24.05
C GLU A 83 -2.40 3.56 24.17
N ALA A 84 -2.68 4.36 23.15
CA ALA A 84 -2.40 5.80 23.27
C ALA A 84 -3.32 6.40 24.32
N ARG A 85 -2.78 7.31 25.13
CA ARG A 85 -3.52 7.83 26.27
C ARG A 85 -4.80 8.53 25.85
N GLN A 86 -4.82 9.19 24.68
CA GLN A 86 -6.03 9.85 24.24
C GLN A 86 -7.16 8.86 23.94
N ASN A 87 -6.85 7.58 23.78
CA ASN A 87 -7.85 6.58 23.44
C ASN A 87 -8.34 5.79 24.64
N TYR A 88 -7.90 6.15 25.84
CA TYR A 88 -8.47 5.55 27.03
C TYR A 88 -9.94 5.92 27.12
N GLY A 89 -10.79 4.92 27.34
CA GLY A 89 -12.21 5.15 27.47
C GLY A 89 -13.01 4.96 26.21
N LYS A 90 -12.37 4.66 25.08
CA LYS A 90 -13.09 4.42 23.83
C LYS A 90 -13.50 2.96 23.66
N ASN A 91 -13.20 2.10 24.63
CA ASN A 91 -13.65 0.72 24.62
C ASN A 91 -13.04 -0.09 23.47
N PHE A 92 -11.83 0.28 23.05
CA PHE A 92 -11.11 -0.54 22.08
C PHE A 92 -10.59 -1.80 22.77
N PHE A 93 -10.44 -2.87 21.99
CA PHE A 93 -9.95 -4.14 22.52
C PHE A 93 -8.62 -4.57 21.90
N ALA A 94 -8.06 -3.76 21.01
CA ALA A 94 -6.75 -4.00 20.42
C ALA A 94 -6.19 -2.65 19.99
N PRO A 95 -4.86 -2.51 19.93
CA PRO A 95 -4.28 -1.24 19.50
C PRO A 95 -4.14 -1.15 17.98
N VAL A 96 -4.21 -2.30 17.31
CA VAL A 96 -3.91 -2.42 15.88
C VAL A 96 -4.51 -3.73 15.41
N SER A 97 -4.62 -3.88 14.08
CA SER A 97 -5.04 -5.16 13.52
C SER A 97 -3.88 -6.15 13.62
N TYR A 98 -4.19 -7.36 14.10
CA TYR A 98 -3.14 -8.30 14.51
C TYR A 98 -2.62 -9.18 13.36
N ILE A 99 -3.47 -9.55 12.42
CA ILE A 99 -3.10 -10.47 11.34
C ILE A 99 -3.51 -9.80 10.04
N SER A 100 -2.52 -9.46 9.21
CA SER A 100 -2.80 -8.77 7.96
C SER A 100 -3.48 -9.71 6.98
N SER A 101 -4.50 -9.18 6.29
CA SER A 101 -5.04 -9.81 5.09
C SER A 101 -4.63 -9.08 3.83
N HIS A 102 -3.69 -8.13 3.94
N HIS A 102 -3.70 -8.13 3.93
CA HIS A 102 -3.36 -7.22 2.86
CA HIS A 102 -3.36 -7.28 2.79
C HIS A 102 -1.91 -7.27 2.42
C HIS A 102 -1.90 -7.25 2.42
N THR A 103 -0.99 -7.62 3.32
CA THR A 103 0.44 -7.59 3.01
C THR A 103 0.83 -8.83 2.22
N PRO A 104 1.34 -8.69 0.99
CA PRO A 104 1.65 -9.88 0.18
C PRO A 104 2.63 -10.80 0.89
N GLY A 105 2.26 -12.08 0.98
CA GLY A 105 3.11 -13.09 1.54
C GLY A 105 3.14 -13.14 3.05
N LYS A 106 2.42 -12.26 3.74
CA LYS A 106 2.46 -12.19 5.20
C LYS A 106 1.06 -12.06 5.78
N THR A 107 0.14 -12.92 5.35
CA THR A 107 -1.22 -12.91 5.86
C THR A 107 -1.62 -14.20 6.56
N LEU A 108 -0.69 -15.11 6.80
CA LEU A 108 -1.04 -16.36 7.49
C LEU A 108 -0.73 -16.34 8.98
N ALA A 109 0.20 -15.49 9.43
CA ALA A 109 0.61 -15.48 10.83
C ALA A 109 0.56 -14.07 11.41
N ALA A 110 0.30 -14.02 12.72
CA ALA A 110 0.30 -12.76 13.44
C ALA A 110 1.63 -12.03 13.25
N ASN A 111 1.54 -10.72 13.02
CA ASN A 111 2.70 -9.86 12.89
C ASN A 111 3.44 -9.84 14.22
N PRO A 112 4.66 -10.40 14.30
CA PRO A 112 5.32 -10.47 15.61
C PRO A 112 5.70 -9.13 16.20
N SER A 113 5.79 -8.07 15.39
CA SER A 113 6.09 -6.75 15.95
C SER A 113 4.90 -6.16 16.70
N TYR A 114 3.68 -6.65 16.46
CA TYR A 114 2.51 -6.18 17.18
C TYR A 114 2.09 -7.09 18.34
N SER A 115 2.50 -8.36 18.33
CA SER A 115 1.99 -9.34 19.29
C SER A 115 3.11 -10.26 19.75
N ILE A 116 3.28 -10.37 21.06
CA ILE A 116 4.31 -11.21 21.67
C ILE A 116 3.66 -12.51 22.12
N ASN A 117 4.13 -13.63 21.58
CA ASN A 117 3.65 -14.94 21.99
C ASN A 117 4.09 -15.20 23.43
N LYS A 118 3.13 -15.21 24.36
CA LYS A 118 3.43 -15.50 25.75
C LYS A 118 3.17 -16.95 26.12
N SER A 119 2.27 -17.61 25.41
CA SER A 119 1.96 -18.99 25.80
C SER A 119 1.41 -19.73 24.60
N GLN A 120 1.77 -21.00 24.48
CA GLN A 120 1.27 -21.82 23.40
C GLN A 120 1.06 -23.24 23.88
N VAL A 121 -0.07 -23.83 23.47
CA VAL A 121 -0.39 -25.21 23.77
C VAL A 121 -0.75 -25.90 22.47
N ASN A 122 0.06 -26.88 22.08
CA ASN A 122 -0.18 -27.67 20.88
C ASN A 122 -0.97 -28.92 21.22
N ASN A 123 -1.82 -29.32 20.29
CA ASN A 123 -2.69 -30.48 20.49
C ASN A 123 -3.43 -30.35 21.83
N PRO A 124 -4.20 -29.28 22.00
CA PRO A 124 -4.78 -29.00 23.32
C PRO A 124 -5.89 -29.97 23.70
N LYS A 125 -6.11 -30.08 25.00
CA LYS A 125 -7.32 -30.70 25.51
C LYS A 125 -8.45 -29.67 25.54
N ARG A 126 -9.65 -30.12 25.92
CA ARG A 126 -10.81 -29.24 25.96
C ARG A 126 -10.56 -28.07 26.90
N LYS A 127 -9.90 -28.33 28.02
CA LYS A 127 -9.47 -27.29 28.96
C LYS A 127 -8.02 -26.94 28.67
N VAL A 128 -7.75 -25.64 28.52
CA VAL A 128 -6.43 -25.14 28.16
C VAL A 128 -6.02 -24.10 29.18
N ALA A 129 -4.86 -24.28 29.79
CA ALA A 129 -4.25 -23.26 30.64
C ALA A 129 -3.11 -22.60 29.87
N LEU A 130 -3.15 -21.28 29.77
CA LEU A 130 -2.19 -20.49 29.00
C LEU A 130 -1.47 -19.58 29.98
N LYS A 131 -0.20 -19.89 30.26
CA LYS A 131 0.58 -19.15 31.23
C LYS A 131 1.22 -17.94 30.57
N ALA A 132 0.94 -16.75 31.09
CA ALA A 132 1.44 -15.51 30.53
C ALA A 132 2.65 -14.97 31.28
N ASN A 133 2.53 -14.81 32.61
CA ASN A 133 3.56 -14.17 33.41
C ASN A 133 4.01 -12.86 32.75
N GLN A 134 3.04 -12.02 32.42
CA GLN A 134 3.29 -10.78 31.69
C GLN A 134 3.22 -9.60 32.66
N LYS A 135 4.32 -8.87 32.80
CA LYS A 135 4.30 -7.63 33.54
C LYS A 135 3.41 -6.61 32.83
N LEU A 136 2.56 -5.96 33.60
CA LEU A 136 1.52 -5.09 33.05
C LEU A 136 1.97 -3.64 32.98
N PHE A 137 1.65 -3.00 31.86
CA PHE A 137 1.85 -1.57 31.73
C PHE A 137 0.95 -0.84 32.72
N PRO A 138 1.43 0.23 33.36
CA PRO A 138 0.58 0.97 34.31
C PRO A 138 -0.46 1.80 33.58
N GLY A 139 -1.49 1.12 33.09
CA GLY A 139 -2.48 1.66 32.18
C GLY A 139 -3.13 0.52 31.40
N ILE A 140 -3.56 0.83 30.18
CA ILE A 140 -4.25 -0.17 29.38
C ILE A 140 -3.29 -1.27 28.95
N ASN A 141 -3.79 -2.52 28.93
CA ASN A 141 -3.04 -3.66 28.44
C ASN A 141 -3.95 -4.51 27.57
N TYR A 142 -3.44 -4.92 26.41
CA TYR A 142 -4.18 -5.74 25.47
C TYR A 142 -3.56 -7.13 25.38
N PHE A 143 -4.41 -8.16 25.43
CA PHE A 143 -4.02 -9.53 25.17
C PHE A 143 -4.99 -10.11 24.16
N TRP A 144 -4.61 -11.22 23.54
CA TRP A 144 -5.57 -11.94 22.71
C TRP A 144 -5.22 -13.41 22.61
N ILE A 145 -6.24 -14.21 22.31
CA ILE A 145 -6.12 -15.65 22.19
C ILE A 145 -6.19 -16.01 20.71
N SER A 146 -5.28 -16.85 20.27
CA SER A 146 -5.19 -17.30 18.89
C SER A 146 -5.55 -18.77 18.79
N LEU A 147 -6.36 -19.10 17.79
CA LEU A 147 -6.77 -20.47 17.49
C LEU A 147 -6.15 -20.87 16.17
N GLN A 148 -5.42 -21.99 16.17
CA GLN A 148 -4.88 -22.58 14.94
C GLN A 148 -5.44 -23.98 14.77
N MET A 149 -6.08 -24.22 13.62
CA MET A 149 -6.66 -25.51 13.29
C MET A 149 -5.61 -26.45 12.72
N LYS A 150 -5.96 -27.74 12.66
CA LYS A 150 -5.18 -28.70 11.90
C LYS A 150 -5.34 -28.40 10.41
N PRO A 151 -4.27 -28.55 9.61
CA PRO A 151 -4.43 -28.40 8.16
C PRO A 151 -5.53 -29.29 7.61
N ASP A 152 -5.80 -30.40 8.30
CA ASP A 152 -6.73 -31.45 7.90
C ASP A 152 -8.16 -31.18 8.30
N ALA A 153 -8.44 -30.07 8.99
CA ALA A 153 -9.72 -29.89 9.65
C ALA A 153 -10.86 -29.82 8.64
N SER A 154 -12.04 -30.27 9.07
CA SER A 154 -13.21 -30.30 8.21
C SER A 154 -13.86 -28.92 8.13
N LEU A 155 -14.43 -28.63 6.96
CA LEU A 155 -15.03 -27.31 6.75
C LEU A 155 -16.29 -27.10 7.57
N LEU A 156 -16.89 -28.15 8.09
CA LEU A 156 -18.11 -28.02 8.89
C LEU A 156 -17.83 -27.84 10.37
N ASP A 157 -16.55 -27.79 10.77
CA ASP A 157 -16.24 -27.62 12.18
C ASP A 157 -16.83 -26.33 12.71
N LYS A 158 -17.39 -26.43 13.91
CA LYS A 158 -17.87 -25.28 14.67
C LYS A 158 -17.11 -25.28 15.99
N VAL A 159 -16.60 -24.13 16.38
CA VAL A 159 -15.78 -23.99 17.58
C VAL A 159 -16.48 -23.02 18.52
N ALA A 160 -16.72 -23.46 19.75
CA ALA A 160 -17.23 -22.63 20.81
C ALA A 160 -16.25 -22.69 21.97
N ALA A 161 -16.18 -21.62 22.74
CA ALA A 161 -15.23 -21.59 23.86
C ALA A 161 -15.63 -20.50 24.83
N LYS A 162 -15.15 -20.65 26.06
CA LYS A 162 -15.39 -19.71 27.14
C LYS A 162 -14.11 -19.51 27.92
N ILE A 163 -13.83 -18.28 28.29
CA ILE A 163 -12.75 -18.00 29.23
C ILE A 163 -13.26 -18.29 30.63
N ALA A 164 -12.63 -19.25 31.31
CA ALA A 164 -13.11 -19.70 32.61
C ALA A 164 -12.54 -18.86 33.74
N ALA A 165 -11.29 -18.43 33.62
CA ALA A 165 -10.64 -17.71 34.69
C ALA A 165 -9.40 -17.01 34.17
N ILE A 166 -9.10 -15.87 34.77
CA ILE A 166 -7.88 -15.12 34.50
C ILE A 166 -7.22 -14.85 35.84
N LYS A 167 -5.96 -15.24 35.98
CA LYS A 167 -5.23 -15.05 37.23
C LYS A 167 -4.33 -13.84 37.09
N VAL A 168 -4.44 -12.92 38.05
CA VAL A 168 -3.65 -11.70 38.09
C VAL A 168 -3.08 -11.56 39.49
N ASP A 169 -1.76 -11.36 39.58
CA ASP A 169 -1.10 -11.21 40.87
C ASP A 169 -1.49 -12.36 41.79
N ASN A 170 -1.53 -13.57 41.24
CA ASN A 170 -1.82 -14.81 41.96
C ASN A 170 -3.22 -14.87 42.53
N LYS A 171 -4.13 -14.01 42.07
CA LYS A 171 -5.52 -14.04 42.51
C LYS A 171 -6.44 -14.12 41.30
N GLU A 172 -7.61 -14.69 41.52
CA GLU A 172 -8.64 -14.69 40.49
C GLU A 172 -9.06 -13.25 40.19
N ALA A 173 -8.98 -12.87 38.92
CA ALA A 173 -9.32 -11.52 38.52
C ALA A 173 -10.79 -11.42 38.14
N LEU A 174 -11.36 -10.26 38.39
CA LEU A 174 -12.70 -9.97 37.90
C LEU A 174 -12.70 -9.93 36.38
N MET A 175 -13.79 -10.45 35.79
CA MET A 175 -13.96 -10.47 34.34
C MET A 175 -15.32 -9.91 33.96
N HIS A 176 -15.38 -9.31 32.79
CA HIS A 176 -16.65 -8.93 32.19
C HIS A 176 -16.57 -9.10 30.68
N THR A 177 -17.52 -9.85 30.12
CA THR A 177 -17.56 -10.13 28.70
C THR A 177 -18.60 -9.22 28.06
N VAL A 178 -18.19 -8.43 27.06
CA VAL A 178 -19.11 -7.52 26.39
C VAL A 178 -19.77 -8.16 25.18
N SER A 179 -19.22 -9.27 24.67
CA SER A 179 -19.72 -9.95 23.48
C SER A 179 -20.81 -10.95 23.87
N PRO A 180 -21.69 -11.28 22.93
CA PRO A 180 -22.85 -12.13 23.28
C PRO A 180 -22.45 -13.57 23.56
N GLU A 181 -23.36 -14.28 24.22
CA GLU A 181 -23.17 -15.68 24.56
C GLU A 181 -23.46 -16.57 23.35
N ASN A 182 -22.89 -17.77 23.40
CA ASN A 182 -23.18 -18.81 22.41
C ASN A 182 -22.75 -18.42 21.00
N ILE A 183 -21.61 -17.72 20.89
CA ILE A 183 -21.03 -17.46 19.58
C ILE A 183 -20.57 -18.78 18.96
N VAL A 184 -20.93 -18.99 17.70
CA VAL A 184 -20.47 -20.14 16.94
C VAL A 184 -19.35 -19.66 16.03
N HIS A 185 -18.13 -20.16 16.27
CA HIS A 185 -16.99 -19.86 15.41
C HIS A 185 -16.93 -20.88 14.29
N ARG A 186 -16.97 -20.40 13.05
CA ARG A 186 -16.92 -21.24 11.87
C ARG A 186 -15.55 -21.14 11.22
N VAL A 187 -15.10 -22.24 10.64
CA VAL A 187 -13.85 -22.26 9.90
C VAL A 187 -14.12 -21.86 8.46
N GLY A 188 -13.04 -21.75 7.69
CA GLY A 188 -13.14 -21.39 6.29
C GLY A 188 -11.81 -21.67 5.64
N VAL A 189 -11.76 -21.44 4.33
CA VAL A 189 -10.55 -21.63 3.53
C VAL A 189 -10.20 -20.30 2.88
N GLY A 190 -8.97 -19.86 3.09
CA GLY A 190 -8.47 -18.74 2.31
C GLY A 190 -8.04 -19.23 0.94
N VAL A 191 -9.00 -19.27 0.01
CA VAL A 191 -8.72 -19.78 -1.33
C VAL A 191 -7.64 -18.94 -2.01
N ARG A 192 -7.70 -17.62 -1.82
CA ARG A 192 -6.66 -16.72 -2.34
C ARG A 192 -6.27 -15.76 -1.22
N HIS A 193 -4.96 -15.56 -1.06
CA HIS A 193 -4.41 -14.59 -0.14
C HIS A 193 -3.64 -13.54 -0.92
N ALA A 194 -3.55 -12.34 -0.34
CA ALA A 194 -2.71 -11.29 -0.90
C ALA A 194 -1.31 -11.83 -1.18
N GLY A 195 -0.84 -11.64 -2.40
CA GLY A 195 0.47 -12.08 -2.81
C GLY A 195 0.51 -13.42 -3.50
N ASP A 196 -0.55 -14.22 -3.37
CA ASP A 196 -0.52 -15.57 -3.92
C ASP A 196 -0.26 -15.54 -5.41
N ASP A 197 0.62 -16.44 -5.86
CA ASP A 197 0.92 -16.60 -7.28
C ASP A 197 1.34 -15.26 -7.90
N GLY A 198 2.06 -14.46 -7.13
CA GLY A 198 2.60 -13.21 -7.64
C GLY A 198 1.62 -12.08 -7.84
N SER A 199 0.39 -12.19 -7.33
CA SER A 199 -0.62 -11.15 -7.51
C SER A 199 -0.84 -10.41 -6.21
N ALA A 200 -0.82 -9.08 -6.29
CA ALA A 200 -1.05 -8.26 -5.10
C ALA A 200 -2.43 -8.53 -4.50
N SER A 201 -3.46 -8.66 -5.33
CA SER A 201 -4.78 -8.80 -4.76
C SER A 201 -5.68 -9.67 -5.63
N PHE A 202 -6.78 -10.10 -5.01
CA PHE A 202 -7.84 -10.82 -5.70
C PHE A 202 -9.17 -10.22 -5.26
N ARG A 203 -10.10 -10.08 -6.19
CA ARG A 203 -11.37 -9.46 -5.87
C ARG A 203 -12.47 -10.03 -6.76
N ILE A 204 -13.71 -9.71 -6.41
CA ILE A 204 -14.90 -9.97 -7.24
C ILE A 204 -15.16 -11.46 -7.40
N PRO A 205 -15.75 -12.12 -6.41
CA PRO A 205 -15.97 -13.56 -6.49
C PRO A 205 -17.22 -13.96 -7.26
N GLY A 206 -17.11 -15.09 -7.94
CA GLY A 206 -18.27 -15.79 -8.46
C GLY A 206 -18.12 -17.26 -8.15
N LEU A 207 -19.26 -17.93 -7.93
CA LEU A 207 -19.20 -19.30 -7.43
C LEU A 207 -20.36 -20.11 -7.97
N VAL A 208 -20.07 -21.31 -8.47
CA VAL A 208 -21.11 -22.24 -8.92
C VAL A 208 -20.74 -23.66 -8.54
N THR A 209 -21.76 -24.52 -8.57
CA THR A 209 -21.61 -25.97 -8.42
C THR A 209 -22.03 -26.63 -9.72
N THR A 210 -21.15 -27.48 -10.27
CA THR A 210 -21.47 -28.13 -11.52
C THR A 210 -22.43 -29.31 -11.29
N ASN A 211 -22.96 -29.85 -12.38
CA ASN A 211 -23.81 -31.03 -12.28
C ASN A 211 -23.08 -32.20 -11.66
N LYS A 212 -21.75 -32.17 -11.64
CA LYS A 212 -20.93 -33.19 -11.00
C LYS A 212 -20.53 -32.80 -9.58
N GLY A 213 -21.12 -31.75 -9.03
CA GLY A 213 -20.82 -31.32 -7.69
C GLY A 213 -19.52 -30.57 -7.54
N THR A 214 -18.80 -30.38 -8.63
CA THR A 214 -17.56 -29.60 -8.60
C THR A 214 -17.85 -28.15 -8.30
N LEU A 215 -17.07 -27.57 -7.40
CA LEU A 215 -17.16 -26.14 -7.10
C LEU A 215 -16.20 -25.38 -8.00
N LEU A 216 -16.70 -24.30 -8.61
CA LEU A 216 -15.88 -23.43 -9.44
C LEU A 216 -16.04 -22.01 -8.93
N GLY A 217 -14.92 -21.43 -8.46
CA GLY A 217 -14.89 -20.07 -8.00
C GLY A 217 -13.98 -19.24 -8.88
N VAL A 218 -14.49 -18.10 -9.35
CA VAL A 218 -13.76 -17.21 -10.25
C VAL A 218 -13.60 -15.86 -9.57
N TYR A 219 -12.64 -15.09 -10.08
CA TYR A 219 -12.31 -13.79 -9.48
C TYR A 219 -11.35 -13.02 -10.37
N ASP A 220 -11.28 -11.70 -10.14
CA ASP A 220 -10.17 -10.87 -10.59
C ASP A 220 -8.88 -11.28 -9.90
N VAL A 221 -7.83 -11.47 -10.71
CA VAL A 221 -6.44 -11.51 -10.27
C VAL A 221 -5.88 -10.13 -10.63
N ARG A 222 -5.77 -9.26 -9.61
CA ARG A 222 -5.32 -7.88 -9.78
C ARG A 222 -3.86 -7.82 -9.35
N TYR A 223 -2.96 -7.90 -10.34
CA TYR A 223 -1.56 -8.18 -10.07
C TYR A 223 -0.86 -7.03 -9.38
N ASN A 224 -1.10 -5.79 -9.81
CA ASN A 224 -0.27 -4.67 -9.35
C ASN A 224 -0.76 -4.08 -8.04
N ASN A 225 -2.06 -4.08 -7.81
CA ASN A 225 -2.68 -3.49 -6.63
C ASN A 225 -4.16 -3.82 -6.71
N SER A 226 -4.98 -3.23 -5.84
CA SER A 226 -6.39 -3.60 -5.80
C SER A 226 -7.28 -2.70 -6.66
N ALA A 227 -6.70 -1.87 -7.54
CA ALA A 227 -7.49 -0.95 -8.34
C ALA A 227 -8.39 -1.70 -9.31
N ASP A 228 -9.58 -1.15 -9.54
CA ASP A 228 -10.47 -1.66 -10.57
C ASP A 228 -9.84 -1.48 -11.96
N LEU A 229 -10.41 -2.17 -12.95
CA LEU A 229 -10.08 -1.87 -14.34
C LEU A 229 -10.13 -0.37 -14.57
N GLN A 230 -9.27 0.16 -15.44
CA GLN A 230 -8.26 -0.56 -16.19
C GLN A 230 -6.99 -0.82 -15.38
N GLU A 231 -6.39 -2.00 -15.61
CA GLU A 231 -5.15 -2.41 -14.96
C GLU A 231 -4.79 -3.82 -15.43
N HIS A 232 -3.67 -4.35 -14.96
CA HIS A 232 -3.24 -5.72 -15.25
C HIS A 232 -4.10 -6.67 -14.44
N VAL A 233 -5.15 -7.21 -15.07
CA VAL A 233 -6.14 -8.04 -14.38
C VAL A 233 -6.47 -9.23 -15.27
N ASP A 234 -6.45 -10.43 -14.69
CA ASP A 234 -6.93 -11.63 -15.35
C ASP A 234 -8.13 -12.18 -14.61
N ILE A 235 -8.85 -13.11 -15.23
CA ILE A 235 -9.84 -13.90 -14.52
C ILE A 235 -9.18 -15.20 -14.07
N GLY A 236 -9.15 -15.42 -12.76
CA GLY A 236 -8.66 -16.65 -12.19
C GLY A 236 -9.81 -17.53 -11.75
N LEU A 237 -9.50 -18.81 -11.58
CA LEU A 237 -10.50 -19.83 -11.25
C LEU A 237 -9.86 -20.89 -10.38
N SER A 238 -10.52 -21.16 -9.24
CA SER A 238 -10.15 -22.21 -8.31
C SER A 238 -11.23 -23.28 -8.35
N ARG A 239 -10.79 -24.54 -8.47
CA ARG A 239 -11.68 -25.67 -8.72
C ARG A 239 -11.53 -26.67 -7.57
N SER A 240 -12.66 -27.08 -6.99
CA SER A 240 -12.67 -28.04 -5.88
C SER A 240 -13.56 -29.22 -6.22
N VAL A 241 -13.02 -30.43 -6.02
CA VAL A 241 -13.78 -31.66 -6.22
C VAL A 241 -14.15 -32.30 -4.89
N ASP A 242 -13.93 -31.61 -3.77
CA ASP A 242 -14.19 -32.18 -2.45
C ASP A 242 -14.96 -31.20 -1.59
N GLY A 243 -15.93 -30.51 -2.18
CA GLY A 243 -16.84 -29.67 -1.42
C GLY A 243 -16.23 -28.39 -0.90
N GLY A 244 -15.07 -28.00 -1.39
CA GLY A 244 -14.41 -26.78 -0.96
C GLY A 244 -13.31 -26.97 0.04
N LYS A 245 -13.02 -28.21 0.44
CA LYS A 245 -11.95 -28.48 1.40
C LYS A 245 -10.59 -28.14 0.80
N THR A 246 -10.33 -28.61 -0.42
CA THR A 246 -9.07 -28.36 -1.10
C THR A 246 -9.37 -27.83 -2.50
N TRP A 247 -8.43 -27.03 -3.02
CA TRP A 247 -8.64 -26.31 -4.26
C TRP A 247 -7.44 -26.53 -5.18
N GLU A 248 -7.72 -26.84 -6.45
CA GLU A 248 -6.67 -27.07 -7.42
C GLU A 248 -5.95 -25.76 -7.73
N LYS A 249 -4.75 -25.89 -8.28
CA LYS A 249 -3.95 -24.71 -8.58
C LYS A 249 -4.73 -23.76 -9.49
N MET A 250 -4.49 -22.47 -9.31
CA MET A 250 -5.27 -21.46 -10.01
C MET A 250 -5.16 -21.62 -11.52
N ARG A 251 -6.31 -21.53 -12.19
CA ARG A 251 -6.38 -21.45 -13.64
C ARG A 251 -6.73 -20.02 -14.04
N LEU A 252 -6.46 -19.71 -15.31
CA LEU A 252 -6.73 -18.38 -15.87
C LEU A 252 -7.62 -18.52 -17.10
N PRO A 253 -8.94 -18.68 -16.91
CA PRO A 253 -9.83 -18.80 -18.07
C PRO A 253 -9.73 -17.65 -19.05
N LEU A 254 -9.47 -16.43 -18.58
CA LEU A 254 -9.41 -15.25 -19.43
C LEU A 254 -8.22 -14.40 -19.04
N ALA A 255 -7.37 -14.10 -20.01
CA ALA A 255 -6.16 -13.32 -19.82
C ALA A 255 -5.73 -12.86 -21.19
N PHE A 256 -5.55 -11.55 -21.36
CA PHE A 256 -5.30 -11.00 -22.68
C PHE A 256 -3.88 -10.49 -22.88
N GLY A 257 -3.07 -10.43 -21.82
CA GLY A 257 -1.67 -10.10 -22.00
C GLY A 257 -1.49 -8.89 -22.88
N GLU A 258 -0.66 -9.04 -23.92
CA GLU A 258 -0.33 -7.93 -24.80
C GLU A 258 -1.12 -7.98 -26.12
N THR A 259 -2.37 -8.43 -26.05
CA THR A 259 -3.25 -8.46 -27.21
C THR A 259 -3.38 -7.08 -27.84
N GLY A 260 -3.43 -7.05 -29.17
CA GLY A 260 -3.63 -5.80 -29.88
C GLY A 260 -2.51 -4.81 -29.70
N ASP A 261 -1.32 -5.30 -29.34
CA ASP A 261 -0.07 -4.54 -29.32
C ASP A 261 0.05 -3.59 -28.13
N LEU A 262 -0.84 -3.68 -27.14
CA LEU A 262 -0.77 -2.80 -25.96
C LEU A 262 -0.21 -3.54 -24.75
N PRO A 263 0.29 -2.81 -23.76
CA PRO A 263 0.75 -3.46 -22.53
C PRO A 263 -0.38 -4.24 -21.85
N ALA A 264 0.04 -5.23 -21.04
CA ALA A 264 -0.93 -6.06 -20.35
C ALA A 264 -1.82 -5.24 -19.42
N ALA A 265 -1.27 -4.20 -18.79
CA ALA A 265 -2.08 -3.40 -17.88
C ALA A 265 -3.08 -2.50 -18.61
N GLN A 266 -3.03 -2.44 -19.94
CA GLN A 266 -4.10 -1.84 -20.74
C GLN A 266 -4.88 -2.91 -21.49
N ASN A 267 -5.02 -4.09 -20.86
CA ASN A 267 -5.73 -5.22 -21.42
C ASN A 267 -6.40 -6.04 -20.31
N GLY A 268 -6.72 -5.41 -19.19
CA GLY A 268 -7.33 -6.13 -18.10
C GLY A 268 -8.67 -6.71 -18.50
N VAL A 269 -9.02 -7.82 -17.86
CA VAL A 269 -10.36 -8.40 -17.97
C VAL A 269 -10.84 -8.71 -16.56
N GLY A 270 -12.05 -8.26 -16.23
CA GLY A 270 -12.52 -8.32 -14.86
C GLY A 270 -14.02 -8.43 -14.63
N ASP A 271 -14.38 -8.36 -13.34
CA ASP A 271 -15.76 -8.48 -12.89
C ASP A 271 -16.45 -9.75 -13.41
N PRO A 272 -15.88 -10.92 -13.16
CA PRO A 272 -16.41 -12.14 -13.77
C PRO A 272 -17.78 -12.51 -13.24
N SER A 273 -18.55 -13.16 -14.11
CA SER A 273 -19.77 -13.87 -13.73
C SER A 273 -19.70 -15.26 -14.32
N ILE A 274 -20.12 -16.26 -13.55
CA ILE A 274 -20.00 -17.64 -13.97
C ILE A 274 -21.35 -18.33 -13.84
N LEU A 275 -21.66 -19.22 -14.78
CA LEU A 275 -22.88 -20.01 -14.69
C LEU A 275 -22.63 -21.41 -15.25
N VAL A 276 -23.41 -22.36 -14.75
CA VAL A 276 -23.42 -23.72 -15.25
C VAL A 276 -24.69 -23.91 -16.08
N ASP A 277 -24.54 -24.42 -17.29
CA ASP A 277 -25.66 -24.85 -18.11
C ASP A 277 -26.09 -26.22 -17.60
N THR A 278 -27.10 -26.25 -16.72
CA THR A 278 -27.53 -27.51 -16.11
C THR A 278 -28.01 -28.52 -17.13
N LYS A 279 -28.37 -28.10 -18.35
CA LYS A 279 -28.83 -29.05 -19.36
C LYS A 279 -27.69 -29.83 -19.99
N THR A 280 -26.45 -29.32 -19.93
CA THR A 280 -25.32 -29.96 -20.59
C THR A 280 -24.08 -30.01 -19.72
N ASN A 281 -24.05 -29.32 -18.59
CA ASN A 281 -22.91 -29.15 -17.69
C ASN A 281 -21.79 -28.32 -18.30
N THR A 282 -21.97 -27.76 -19.50
CA THR A 282 -21.02 -26.77 -19.97
C THR A 282 -21.03 -25.57 -19.03
N VAL A 283 -19.85 -25.02 -18.75
CA VAL A 283 -19.69 -23.91 -17.83
C VAL A 283 -19.28 -22.68 -18.62
N TRP A 284 -19.89 -21.54 -18.31
CA TRP A 284 -19.63 -20.29 -19.00
C TRP A 284 -19.14 -19.24 -18.02
N VAL A 285 -18.07 -18.55 -18.38
CA VAL A 285 -17.59 -17.37 -17.65
C VAL A 285 -17.66 -16.19 -18.60
N VAL A 286 -18.30 -15.11 -18.15
CA VAL A 286 -18.36 -13.86 -18.89
C VAL A 286 -17.62 -12.79 -18.11
N ALA A 287 -16.90 -11.91 -18.81
CA ALA A 287 -16.15 -10.85 -18.17
C ALA A 287 -16.03 -9.68 -19.12
N ALA A 288 -15.54 -8.56 -18.57
CA ALA A 288 -15.37 -7.31 -19.30
C ALA A 288 -13.89 -7.13 -19.62
N TRP A 289 -13.55 -7.18 -20.90
CA TRP A 289 -12.18 -6.97 -21.37
C TRP A 289 -12.04 -5.51 -21.78
N THR A 290 -11.20 -4.77 -21.05
CA THR A 290 -10.97 -3.36 -21.34
C THR A 290 -9.61 -3.21 -22.00
N HIS A 291 -9.60 -2.56 -23.16
CA HIS A 291 -8.41 -2.40 -23.99
C HIS A 291 -8.11 -0.90 -24.09
N GLY A 292 -6.87 -0.52 -23.81
CA GLY A 292 -6.48 0.87 -23.81
C GLY A 292 -6.77 1.56 -22.49
N MET A 293 -7.29 2.78 -22.56
CA MET A 293 -7.79 3.53 -21.41
C MET A 293 -6.70 3.98 -20.44
N GLY A 294 -5.44 4.00 -20.87
CA GLY A 294 -4.38 4.41 -19.96
C GLY A 294 -4.40 3.60 -18.68
N ASN A 295 -4.21 4.28 -17.56
CA ASN A 295 -4.27 3.66 -16.23
C ASN A 295 -5.47 4.18 -15.43
N GLN A 296 -6.52 4.60 -16.12
CA GLN A 296 -7.70 5.18 -15.49
C GLN A 296 -8.80 4.14 -15.36
N ARG A 297 -9.84 4.50 -14.62
CA ARG A 297 -10.91 3.56 -14.30
C ARG A 297 -11.83 3.37 -15.50
N ALA A 298 -12.06 2.11 -15.86
CA ALA A 298 -12.86 1.79 -17.03
C ALA A 298 -14.27 2.34 -16.92
N TRP A 299 -14.78 2.49 -15.69
CA TRP A 299 -16.10 3.07 -15.51
C TRP A 299 -16.22 4.42 -16.20
N TRP A 300 -15.14 5.21 -16.16
CA TRP A 300 -15.11 6.54 -16.76
C TRP A 300 -14.30 6.61 -18.04
N SER A 301 -13.73 5.49 -18.50
CA SER A 301 -12.85 5.49 -19.66
C SER A 301 -13.38 4.66 -20.83
N SER A 302 -14.49 3.95 -20.66
CA SER A 302 -15.16 3.25 -21.75
C SER A 302 -16.19 4.19 -22.36
N TYR A 303 -16.24 4.22 -23.68
CA TYR A 303 -17.04 5.19 -24.42
C TYR A 303 -17.91 4.52 -25.48
N PRO A 304 -18.82 5.28 -26.08
CA PRO A 304 -19.67 4.73 -27.14
C PRO A 304 -18.83 4.20 -28.29
N GLY A 305 -19.41 3.24 -29.01
CA GLY A 305 -18.73 2.53 -30.06
C GLY A 305 -18.90 1.05 -29.86
N MET A 306 -18.08 0.27 -30.57
CA MET A 306 -18.22 -1.19 -30.56
C MET A 306 -16.90 -1.95 -30.56
N ASP A 307 -15.81 -1.39 -31.07
CA ASP A 307 -14.56 -2.14 -31.14
C ASP A 307 -13.70 -1.90 -29.90
N MET A 308 -12.64 -2.70 -29.77
CA MET A 308 -11.80 -2.67 -28.58
C MET A 308 -11.11 -1.34 -28.38
N ASN A 309 -10.96 -0.52 -29.41
CA ASN A 309 -10.31 0.76 -29.24
C ASN A 309 -11.22 1.81 -28.62
N HIS A 310 -12.53 1.56 -28.57
CA HIS A 310 -13.49 2.54 -28.08
C HIS A 310 -14.24 2.10 -26.83
N THR A 311 -14.49 0.80 -26.63
CA THR A 311 -15.41 0.40 -25.58
C THR A 311 -15.04 -0.96 -25.03
N ALA A 312 -15.48 -1.21 -23.80
CA ALA A 312 -15.22 -2.51 -23.16
C ALA A 312 -15.91 -3.63 -23.92
N GLN A 313 -15.21 -4.75 -24.05
CA GLN A 313 -15.67 -5.92 -24.79
C GLN A 313 -16.26 -6.95 -23.84
N LEU A 314 -17.37 -7.53 -24.23
CA LEU A 314 -18.01 -8.59 -23.45
C LEU A 314 -17.48 -9.92 -23.98
N VAL A 315 -16.73 -10.64 -23.15
CA VAL A 315 -16.11 -11.87 -23.62
C VAL A 315 -16.56 -13.05 -22.77
N LEU A 316 -16.61 -14.21 -23.42
CA LEU A 316 -16.93 -15.47 -22.79
C LEU A 316 -15.76 -16.44 -22.92
N SER A 317 -15.66 -17.33 -21.94
CA SER A 317 -14.88 -18.55 -22.04
C SER A 317 -15.75 -19.70 -21.56
N LYS A 318 -15.68 -20.84 -22.24
CA LYS A 318 -16.49 -21.98 -21.88
C LYS A 318 -15.63 -23.20 -21.61
N SER A 319 -16.17 -24.08 -20.77
CA SER A 319 -15.51 -25.34 -20.44
C SER A 319 -16.52 -26.46 -20.61
N THR A 320 -16.13 -27.48 -21.38
CA THR A 320 -16.94 -28.66 -21.59
C THR A 320 -16.41 -29.86 -20.83
N ASP A 321 -15.42 -29.68 -19.97
CA ASP A 321 -14.85 -30.78 -19.19
C ASP A 321 -14.89 -30.47 -17.69
N ASP A 322 -15.99 -29.88 -17.23
CA ASP A 322 -16.25 -29.68 -15.81
C ASP A 322 -15.29 -28.66 -15.19
N GLY A 323 -14.80 -27.72 -15.99
CA GLY A 323 -14.00 -26.62 -15.49
C GLY A 323 -12.49 -26.82 -15.55
N LYS A 324 -12.02 -27.91 -16.16
CA LYS A 324 -10.59 -28.18 -16.18
C LYS A 324 -9.88 -27.36 -17.24
N THR A 325 -10.47 -27.24 -18.43
CA THR A 325 -9.89 -26.46 -19.52
C THR A 325 -10.92 -25.49 -20.07
N TRP A 326 -10.41 -24.39 -20.62
CA TRP A 326 -11.23 -23.25 -21.00
C TRP A 326 -10.89 -22.77 -22.39
N SER A 327 -11.92 -22.42 -23.16
CA SER A 327 -11.74 -21.93 -24.51
C SER A 327 -10.98 -20.60 -24.52
N LYS A 328 -10.41 -20.28 -25.68
CA LYS A 328 -9.99 -18.91 -25.92
C LYS A 328 -11.20 -17.99 -25.85
N PRO A 329 -10.99 -16.69 -25.69
CA PRO A 329 -12.12 -15.78 -25.52
C PRO A 329 -13.07 -15.78 -26.71
N ILE A 330 -14.36 -15.74 -26.40
CA ILE A 330 -15.43 -15.59 -27.39
C ILE A 330 -16.03 -14.21 -27.19
N ASN A 331 -15.89 -13.35 -28.21
CA ASN A 331 -16.38 -11.98 -28.14
C ASN A 331 -17.83 -11.94 -28.57
N ILE A 332 -18.72 -11.46 -27.69
CA ILE A 332 -20.13 -11.35 -28.03
C ILE A 332 -20.63 -9.91 -28.00
N THR A 333 -19.71 -8.94 -27.92
CA THR A 333 -20.10 -7.54 -27.85
C THR A 333 -21.14 -7.19 -28.90
N GLU A 334 -20.88 -7.53 -30.16
CA GLU A 334 -21.77 -7.08 -31.23
C GLU A 334 -23.15 -7.71 -31.13
N GLN A 335 -23.30 -8.83 -30.43
CA GLN A 335 -24.63 -9.41 -30.27
C GLN A 335 -25.53 -8.52 -29.43
N VAL A 336 -24.99 -7.90 -28.38
CA VAL A 336 -25.83 -7.40 -27.31
C VAL A 336 -25.59 -5.94 -26.95
N LYS A 337 -24.52 -5.34 -27.45
CA LYS A 337 -24.20 -3.97 -27.04
C LYS A 337 -24.83 -2.96 -28.00
N ASP A 338 -25.64 -2.06 -27.45
CA ASP A 338 -26.11 -0.89 -28.18
C ASP A 338 -24.92 0.05 -28.40
N PRO A 339 -24.62 0.45 -29.64
CA PRO A 339 -23.45 1.31 -29.86
C PRO A 339 -23.49 2.61 -29.06
N SER A 340 -24.68 3.10 -28.69
CA SER A 340 -24.78 4.37 -27.97
C SER A 340 -24.37 4.25 -26.52
N TRP A 341 -24.25 3.04 -25.99
CA TRP A 341 -23.87 2.85 -24.60
C TRP A 341 -22.38 3.11 -24.40
N TYR A 342 -22.03 3.68 -23.25
CA TYR A 342 -20.63 3.87 -22.89
C TYR A 342 -19.97 2.55 -22.54
N PHE A 343 -20.70 1.65 -21.89
CA PHE A 343 -20.09 0.52 -21.19
C PHE A 343 -21.17 -0.52 -20.96
N LEU A 344 -21.01 -1.70 -21.55
CA LEU A 344 -21.85 -2.85 -21.25
C LEU A 344 -20.98 -3.91 -20.56
N LEU A 345 -21.43 -4.38 -19.40
CA LEU A 345 -20.74 -5.51 -18.80
C LEU A 345 -21.71 -6.32 -17.95
N GLN A 346 -21.28 -7.55 -17.67
CA GLN A 346 -22.01 -8.44 -16.79
C GLN A 346 -22.13 -7.87 -15.38
N GLY A 347 -23.17 -8.31 -14.67
CA GLY A 347 -23.22 -8.18 -13.24
C GLY A 347 -22.34 -9.26 -12.62
N PRO A 348 -21.35 -8.86 -11.82
CA PRO A 348 -20.38 -9.85 -11.34
C PRO A 348 -21.04 -10.85 -10.39
N GLY A 349 -20.49 -12.06 -10.40
CA GLY A 349 -20.99 -13.12 -9.53
C GLY A 349 -21.36 -14.37 -10.30
N ARG A 350 -22.65 -14.61 -10.50
CA ARG A 350 -23.04 -15.82 -11.22
C ARG A 350 -24.28 -15.58 -12.05
N GLY A 351 -24.50 -16.49 -13.00
CA GLY A 351 -25.73 -16.59 -13.74
C GLY A 351 -26.49 -17.87 -13.40
N ILE A 352 -27.53 -18.14 -14.19
CA ILE A 352 -28.43 -19.25 -13.93
C ILE A 352 -28.85 -19.91 -15.23
N THR A 353 -29.27 -21.17 -15.13
CA THR A 353 -30.08 -21.83 -16.14
C THR A 353 -31.53 -21.82 -15.67
N MET A 354 -32.42 -21.27 -16.48
CA MET A 354 -33.84 -21.33 -16.15
C MET A 354 -34.36 -22.75 -16.30
N GLN A 355 -35.50 -23.00 -15.64
CA GLN A 355 -36.13 -24.32 -15.72
C GLN A 355 -36.31 -24.75 -17.18
N ASP A 356 -36.71 -23.81 -18.04
CA ASP A 356 -36.95 -24.12 -19.44
C ASP A 356 -35.67 -24.16 -20.28
N GLY A 357 -34.49 -24.15 -19.63
CA GLY A 357 -33.22 -24.24 -20.34
C GLY A 357 -32.62 -22.93 -20.76
N THR A 358 -33.27 -21.80 -20.49
CA THR A 358 -32.73 -20.50 -20.86
C THR A 358 -31.55 -20.14 -19.97
N LEU A 359 -30.45 -19.68 -20.57
CA LEU A 359 -29.30 -19.21 -19.81
C LEU A 359 -29.43 -17.71 -19.60
N VAL A 360 -29.19 -17.25 -18.37
CA VAL A 360 -29.35 -15.84 -18.03
C VAL A 360 -28.13 -15.36 -17.26
N PHE A 361 -27.55 -14.26 -17.73
CA PHE A 361 -26.55 -13.50 -17.00
C PHE A 361 -27.11 -12.13 -16.66
N PRO A 362 -27.07 -11.68 -15.41
CA PRO A 362 -27.33 -10.26 -15.16
C PRO A 362 -26.34 -9.40 -15.91
N ILE A 363 -26.77 -8.19 -16.26
CA ILE A 363 -25.89 -7.27 -16.95
C ILE A 363 -26.22 -5.86 -16.50
N GLN A 364 -25.43 -4.90 -16.98
CA GLN A 364 -25.60 -3.49 -16.64
C GLN A 364 -24.95 -2.70 -17.75
N PHE A 365 -25.59 -1.60 -18.13
CA PHE A 365 -25.01 -0.74 -19.15
C PHE A 365 -25.17 0.72 -18.76
N ILE A 366 -24.12 1.48 -19.03
CA ILE A 366 -24.14 2.93 -18.93
C ILE A 366 -24.62 3.44 -20.28
N ASP A 367 -25.75 4.16 -20.29
CA ASP A 367 -26.40 4.52 -21.54
C ASP A 367 -25.83 5.82 -22.08
N SER A 368 -26.43 6.35 -23.15
CA SER A 368 -25.88 7.51 -23.83
C SER A 368 -25.86 8.75 -22.96
N THR A 369 -26.65 8.79 -21.88
CA THR A 369 -26.60 9.90 -20.94
C THR A 369 -25.62 9.67 -19.80
N ARG A 370 -24.91 8.54 -19.84
CA ARG A 370 -23.90 8.17 -18.84
C ARG A 370 -24.54 7.80 -17.50
N VAL A 371 -25.75 7.26 -17.54
CA VAL A 371 -26.45 6.75 -16.37
C VAL A 371 -26.46 5.22 -16.43
N PRO A 372 -26.06 4.52 -15.36
CA PRO A 372 -26.04 3.06 -15.41
C PRO A 372 -27.39 2.44 -15.10
N ASN A 373 -27.65 1.30 -15.71
CA ASN A 373 -28.91 0.60 -15.52
C ASN A 373 -28.67 -0.91 -15.59
N ALA A 374 -29.28 -1.63 -14.67
CA ALA A 374 -29.19 -3.08 -14.61
C ALA A 374 -30.28 -3.75 -15.46
N GLY A 375 -30.00 -4.97 -15.86
CA GLY A 375 -30.95 -5.79 -16.61
C GLY A 375 -30.42 -7.21 -16.72
N ILE A 376 -30.87 -7.93 -17.75
CA ILE A 376 -30.40 -9.31 -17.97
C ILE A 376 -30.16 -9.55 -19.44
N MET A 377 -29.33 -10.55 -19.70
CA MET A 377 -28.97 -11.01 -21.04
C MET A 377 -29.21 -12.51 -21.04
N TYR A 378 -29.80 -13.04 -22.11
CA TYR A 378 -30.19 -14.45 -22.09
C TYR A 378 -29.87 -15.12 -23.42
N SER A 379 -29.70 -16.44 -23.34
CA SER A 379 -29.47 -17.30 -24.48
C SER A 379 -30.49 -18.42 -24.49
N LYS A 380 -31.11 -18.63 -25.66
CA LYS A 380 -32.02 -19.74 -25.89
C LYS A 380 -31.41 -20.85 -26.73
N ASP A 381 -30.12 -20.77 -27.03
CA ASP A 381 -29.45 -21.77 -27.87
C ASP A 381 -28.14 -22.23 -27.23
N ARG A 382 -28.19 -22.52 -25.93
CA ARG A 382 -27.08 -23.12 -25.19
C ARG A 382 -25.83 -22.25 -25.19
N GLY A 383 -25.97 -20.94 -25.41
CA GLY A 383 -24.86 -20.01 -25.29
C GLY A 383 -24.30 -19.48 -26.59
N GLU A 384 -24.83 -19.89 -27.75
CA GLU A 384 -24.31 -19.37 -29.01
C GLU A 384 -24.66 -17.90 -29.20
N THR A 385 -25.88 -17.51 -28.87
CA THR A 385 -26.35 -16.15 -29.09
C THR A 385 -27.02 -15.63 -27.83
N TRP A 386 -26.91 -14.32 -27.63
CA TRP A 386 -27.44 -13.65 -26.45
C TRP A 386 -28.19 -12.41 -26.88
N LYS A 387 -29.10 -11.96 -26.02
CA LYS A 387 -29.91 -10.79 -26.31
C LYS A 387 -30.28 -10.07 -25.02
N ILE A 388 -30.39 -8.75 -25.11
CA ILE A 388 -30.84 -7.89 -24.03
C ILE A 388 -32.05 -7.12 -24.51
N HIS A 389 -33.06 -7.01 -23.65
CA HIS A 389 -34.25 -6.23 -23.99
C HIS A 389 -34.15 -4.86 -23.35
N ASN A 390 -34.79 -4.64 -22.21
CA ASN A 390 -34.82 -3.33 -21.57
C ASN A 390 -34.26 -3.42 -20.16
N TYR A 391 -33.78 -2.28 -19.66
CA TYR A 391 -33.25 -2.25 -18.31
C TYR A 391 -34.39 -2.36 -17.31
N ALA A 392 -34.04 -2.80 -16.09
CA ALA A 392 -35.03 -2.95 -15.05
C ALA A 392 -35.31 -1.65 -14.30
N ARG A 393 -34.30 -0.81 -14.13
CA ARG A 393 -34.42 0.34 -13.23
C ARG A 393 -33.24 1.26 -13.44
N THR A 394 -33.50 2.56 -13.46
CA THR A 394 -32.46 3.54 -13.74
C THR A 394 -31.54 3.72 -12.54
N ASN A 395 -30.31 4.10 -12.83
CA ASN A 395 -29.32 4.41 -11.80
C ASN A 395 -29.08 3.20 -10.89
N THR A 396 -28.92 2.04 -11.52
CA THR A 396 -28.55 0.81 -10.83
C THR A 396 -27.40 0.15 -11.60
N THR A 397 -26.63 -0.67 -10.90
CA THR A 397 -25.43 -1.25 -11.49
C THR A 397 -25.41 -2.77 -11.33
N GLU A 398 -24.64 -3.26 -10.35
CA GLU A 398 -24.47 -4.69 -10.18
C GLU A 398 -25.75 -5.34 -9.69
N ALA A 399 -26.09 -6.48 -10.29
CA ALA A 399 -27.31 -7.18 -9.94
C ALA A 399 -27.11 -8.68 -10.10
N GLN A 400 -27.92 -9.44 -9.37
CA GLN A 400 -27.99 -10.89 -9.50
C GLN A 400 -29.44 -11.29 -9.70
N VAL A 401 -29.63 -12.40 -10.41
CA VAL A 401 -30.95 -12.83 -10.85
C VAL A 401 -31.21 -14.25 -10.38
N ALA A 402 -32.46 -14.54 -10.03
CA ALA A 402 -32.85 -15.87 -9.60
C ALA A 402 -34.26 -16.16 -10.10
N GLU A 403 -34.50 -17.40 -10.50
CA GLU A 403 -35.83 -17.82 -10.91
C GLU A 403 -36.61 -18.17 -9.65
N VAL A 404 -37.34 -17.18 -9.13
CA VAL A 404 -38.05 -17.35 -7.87
C VAL A 404 -39.22 -18.32 -8.05
N GLU A 405 -39.98 -18.16 -9.12
CA GLU A 405 -40.97 -19.13 -9.56
C GLU A 405 -40.69 -19.43 -11.02
N PRO A 406 -41.11 -20.59 -11.53
CA PRO A 406 -40.87 -20.89 -12.94
C PRO A 406 -41.38 -19.78 -13.85
N GLY A 407 -40.49 -19.29 -14.72
CA GLY A 407 -40.82 -18.22 -15.64
C GLY A 407 -40.77 -16.83 -15.05
N VAL A 408 -40.49 -16.70 -13.75
CA VAL A 408 -40.44 -15.41 -13.07
C VAL A 408 -38.99 -15.18 -12.63
N LEU A 409 -38.32 -14.24 -13.30
CA LEU A 409 -36.96 -13.86 -12.93
C LEU A 409 -37.02 -12.68 -11.97
N MET A 410 -36.33 -12.80 -10.84
CA MET A 410 -36.21 -11.73 -9.85
C MET A 410 -34.80 -11.15 -9.92
N LEU A 411 -34.71 -9.86 -10.24
CA LEU A 411 -33.44 -9.14 -10.32
C LEU A 411 -33.27 -8.26 -9.09
N ASN A 412 -32.15 -8.45 -8.40
CA ASN A 412 -31.81 -7.81 -7.12
C ASN A 412 -30.59 -6.94 -7.35
N MET A 413 -30.75 -5.63 -7.18
CA MET A 413 -29.88 -4.62 -7.78
C MET A 413 -29.23 -3.71 -6.74
N ARG A 414 -27.95 -3.46 -6.95
CA ARG A 414 -27.23 -2.38 -6.30
C ARG A 414 -27.78 -1.05 -6.81
N ASP A 415 -28.22 -0.20 -5.90
CA ASP A 415 -28.93 1.03 -6.25
C ASP A 415 -28.11 2.23 -5.79
N ASN A 416 -27.75 3.10 -6.73
CA ASN A 416 -26.97 4.29 -6.40
C ASN A 416 -27.74 5.29 -5.55
N ARG A 417 -29.06 5.14 -5.41
CA ARG A 417 -29.81 6.00 -4.50
C ARG A 417 -29.38 5.79 -3.06
N GLY A 418 -28.75 4.65 -2.76
CA GLY A 418 -28.20 4.38 -1.45
C GLY A 418 -29.16 3.66 -0.53
N GLY A 419 -28.60 2.81 0.33
CA GLY A 419 -29.28 2.35 1.52
C GLY A 419 -30.05 1.05 1.40
N SER A 420 -30.46 0.64 0.20
CA SER A 420 -31.24 -0.58 0.08
C SER A 420 -31.21 -1.09 -1.35
N ARG A 421 -31.26 -2.42 -1.48
CA ARG A 421 -31.33 -3.06 -2.78
C ARG A 421 -32.67 -2.76 -3.46
N ALA A 422 -32.62 -2.61 -4.79
CA ALA A 422 -33.85 -2.57 -5.58
C ALA A 422 -34.18 -3.98 -6.08
N ILE A 423 -35.46 -4.31 -6.15
CA ILE A 423 -35.85 -5.65 -6.59
C ILE A 423 -37.03 -5.54 -7.55
N SER A 424 -36.90 -6.19 -8.70
CA SER A 424 -37.99 -6.24 -9.67
C SER A 424 -38.06 -7.63 -10.27
N THR A 425 -39.19 -7.93 -10.92
CA THR A 425 -39.38 -9.23 -11.56
C THR A 425 -39.81 -9.04 -13.00
N THR A 426 -39.60 -10.09 -13.79
CA THR A 426 -39.97 -10.11 -15.19
C THR A 426 -40.35 -11.53 -15.60
N LYS A 427 -41.39 -11.65 -16.41
CA LYS A 427 -41.80 -12.94 -16.97
C LYS A 427 -41.63 -12.98 -18.48
N ASP A 428 -41.04 -11.95 -19.07
CA ASP A 428 -40.80 -11.90 -20.51
C ASP A 428 -39.33 -11.59 -20.79
N LEU A 429 -38.42 -11.99 -19.90
CA LEU A 429 -36.98 -11.95 -20.15
C LEU A 429 -36.47 -10.52 -20.36
N GLY A 430 -37.05 -9.56 -19.66
CA GLY A 430 -36.54 -8.21 -19.63
C GLY A 430 -37.24 -7.21 -20.52
N LYS A 431 -38.32 -7.59 -21.20
CA LYS A 431 -39.09 -6.60 -21.96
C LYS A 431 -39.79 -5.64 -21.02
N THR A 432 -40.43 -6.17 -19.98
CA THR A 432 -41.18 -5.39 -19.01
C THR A 432 -40.80 -5.85 -17.61
N TRP A 433 -40.80 -4.89 -16.69
CA TRP A 433 -40.36 -5.13 -15.33
C TRP A 433 -41.41 -4.62 -14.36
N THR A 434 -41.63 -5.39 -13.30
CA THR A 434 -42.59 -5.04 -12.26
C THR A 434 -41.86 -4.89 -10.94
N GLU A 435 -41.96 -3.71 -10.34
CA GLU A 435 -41.34 -3.48 -9.04
C GLU A 435 -41.92 -4.44 -8.00
N HIS A 436 -41.04 -4.98 -7.16
CA HIS A 436 -41.41 -5.96 -6.15
C HIS A 436 -41.62 -5.28 -4.81
N SER A 437 -42.47 -5.89 -3.97
CA SER A 437 -42.81 -5.28 -2.69
C SER A 437 -41.59 -5.09 -1.80
N SER A 438 -40.61 -5.98 -1.90
CA SER A 438 -39.39 -5.88 -1.11
C SER A 438 -38.47 -4.75 -1.57
N SER A 439 -38.72 -4.17 -2.74
CA SER A 439 -37.77 -3.25 -3.34
C SER A 439 -37.58 -2.02 -2.47
N ARG A 440 -36.32 -1.68 -2.22
CA ARG A 440 -35.98 -0.44 -1.54
C ARG A 440 -36.57 -0.41 -0.13
N LYS A 441 -36.57 -1.56 0.54
CA LYS A 441 -37.14 -1.65 1.88
C LYS A 441 -36.59 -2.83 2.68
N ALA A 442 -36.62 -4.03 2.12
CA ALA A 442 -36.35 -5.23 2.91
C ALA A 442 -34.87 -5.50 3.11
N LEU A 443 -34.03 -5.19 2.13
CA LEU A 443 -32.62 -5.59 2.15
C LEU A 443 -31.73 -4.35 2.11
N GLN A 444 -31.24 -3.94 3.27
CA GLN A 444 -30.36 -2.78 3.34
C GLN A 444 -29.00 -3.12 2.74
N GLU A 445 -28.32 -2.09 2.25
CA GLU A 445 -26.98 -2.28 1.70
C GLU A 445 -26.20 -0.99 1.83
N PRO A 446 -24.85 -1.06 1.78
CA PRO A 446 -24.03 0.16 1.70
C PRO A 446 -23.67 0.53 0.27
N VAL A 447 -24.41 -0.01 -0.71
CA VAL A 447 -24.13 0.14 -2.13
C VAL A 447 -22.90 -0.71 -2.45
N CYS A 448 -23.15 -1.95 -2.84
CA CYS A 448 -22.14 -2.99 -2.91
C CYS A 448 -22.78 -4.19 -3.60
N MET A 449 -21.93 -5.04 -4.16
CA MET A 449 -22.40 -6.27 -4.76
C MET A 449 -23.15 -7.11 -3.73
N ALA A 450 -24.11 -7.88 -4.21
CA ALA A 450 -24.83 -8.81 -3.34
C ALA A 450 -25.20 -10.04 -4.14
N SER A 451 -25.28 -11.17 -3.45
CA SER A 451 -25.58 -12.44 -4.08
C SER A 451 -27.02 -12.85 -3.79
N LEU A 452 -27.68 -13.43 -4.79
CA LEU A 452 -29.03 -13.97 -4.64
C LEU A 452 -29.13 -15.26 -5.44
N ILE A 453 -29.58 -16.34 -4.79
CA ILE A 453 -29.86 -17.60 -5.48
C ILE A 453 -31.21 -18.15 -5.02
N SER A 454 -31.76 -19.01 -5.87
CA SER A 454 -33.00 -19.72 -5.59
C SER A 454 -32.70 -21.20 -5.44
N VAL A 455 -33.21 -21.81 -4.37
CA VAL A 455 -33.06 -23.25 -4.15
C VAL A 455 -34.48 -23.82 -4.10
N LYS A 456 -34.75 -24.79 -4.97
CA LYS A 456 -36.07 -25.37 -5.09
C LYS A 456 -36.26 -26.52 -4.11
N ALA A 457 -37.52 -26.74 -3.74
CA ALA A 457 -37.84 -27.76 -2.73
C ALA A 457 -37.24 -29.11 -3.12
N LYS A 458 -37.26 -29.45 -4.41
CA LYS A 458 -36.75 -30.74 -4.86
C LYS A 458 -35.28 -30.89 -4.54
N ASP A 459 -34.54 -29.79 -4.44
CA ASP A 459 -33.09 -29.81 -4.44
C ASP A 459 -32.48 -29.53 -3.07
N ASN A 460 -33.29 -29.39 -2.02
CA ASN A 460 -32.72 -29.13 -0.71
C ASN A 460 -33.43 -29.96 0.35
N VAL A 461 -32.75 -30.09 1.49
CA VAL A 461 -33.17 -31.00 2.55
C VAL A 461 -34.44 -30.58 3.26
N LEU A 462 -34.89 -29.34 3.04
CA LEU A 462 -36.09 -28.83 3.70
C LEU A 462 -37.35 -29.01 2.87
N ASN A 463 -37.24 -29.47 1.63
CA ASN A 463 -38.37 -29.58 0.72
C ASN A 463 -39.22 -28.31 0.77
N LYS A 464 -38.53 -27.16 0.70
CA LYS A 464 -39.18 -25.86 0.61
C LYS A 464 -38.44 -25.01 -0.40
N ASP A 465 -39.19 -24.21 -1.16
CA ASP A 465 -38.58 -23.16 -1.95
C ASP A 465 -37.97 -22.11 -1.03
N ILE A 466 -36.71 -21.76 -1.28
CA ILE A 466 -36.03 -20.78 -0.44
C ILE A 466 -35.18 -19.88 -1.31
N LEU A 467 -35.09 -18.61 -0.91
CA LEU A 467 -34.14 -17.67 -1.50
C LEU A 467 -33.01 -17.44 -0.51
N LEU A 468 -31.78 -17.43 -1.02
CA LEU A 468 -30.62 -17.08 -0.21
C LEU A 468 -29.97 -15.82 -0.77
N PHE A 469 -29.59 -14.93 0.14
CA PHE A 469 -29.05 -13.62 -0.21
C PHE A 469 -27.85 -13.38 0.69
N SER A 470 -26.80 -12.78 0.16
CA SER A 470 -25.65 -12.46 1.00
C SER A 470 -25.10 -11.09 0.65
N ASN A 471 -24.76 -10.33 1.70
CA ASN A 471 -24.15 -9.01 1.50
C ASN A 471 -23.68 -8.42 2.82
N PRO A 472 -23.04 -7.25 2.81
CA PRO A 472 -22.76 -6.56 4.07
C PRO A 472 -24.05 -5.98 4.64
N ASN A 473 -24.43 -6.43 5.84
CA ASN A 473 -25.74 -6.11 6.42
C ASN A 473 -25.68 -4.75 7.11
N THR A 474 -25.54 -3.71 6.29
CA THR A 474 -25.34 -2.36 6.79
C THR A 474 -25.88 -1.36 5.78
N VAL A 475 -25.89 -0.09 6.18
CA VAL A 475 -26.07 1.02 5.26
C VAL A 475 -24.81 1.84 5.07
N LYS A 476 -23.75 1.54 5.82
CA LYS A 476 -22.50 2.27 5.73
C LYS A 476 -21.35 1.32 6.05
N GLY A 477 -20.36 1.28 5.17
CA GLY A 477 -19.22 0.40 5.34
C GLY A 477 -19.53 -1.03 4.93
N ARG A 478 -18.47 -1.77 4.63
CA ARG A 478 -18.58 -3.14 4.15
C ARG A 478 -18.06 -4.07 5.25
N HIS A 479 -18.96 -4.44 6.15
CA HIS A 479 -18.66 -5.34 7.25
C HIS A 479 -19.94 -6.10 7.58
N HIS A 480 -19.84 -7.01 8.56
CA HIS A 480 -20.93 -7.90 8.95
C HIS A 480 -21.55 -8.58 7.73
N ILE A 481 -20.71 -9.34 7.02
CA ILE A 481 -21.20 -10.11 5.89
C ILE A 481 -22.19 -11.14 6.41
N THR A 482 -23.37 -11.18 5.78
CA THR A 482 -24.45 -12.00 6.29
C THR A 482 -25.17 -12.71 5.15
N ILE A 483 -25.45 -14.01 5.38
CA ILE A 483 -26.40 -14.79 4.59
C ILE A 483 -27.77 -14.67 5.24
N LYS A 484 -28.77 -14.33 4.44
CA LYS A 484 -30.17 -14.22 4.84
C LYS A 484 -31.01 -15.16 3.98
N ALA A 485 -32.04 -15.73 4.57
CA ALA A 485 -32.91 -16.68 3.87
C ALA A 485 -34.34 -16.15 3.88
N SER A 486 -35.05 -16.37 2.78
CA SER A 486 -36.46 -16.02 2.66
C SER A 486 -37.25 -17.28 2.31
N LEU A 487 -38.36 -17.47 3.01
CA LEU A 487 -39.24 -18.62 2.83
C LEU A 487 -40.52 -18.28 2.07
N ASP A 488 -40.77 -17.01 1.79
CA ASP A 488 -41.96 -16.57 1.08
C ASP A 488 -41.58 -15.86 -0.22
N GLY A 489 -40.60 -16.41 -0.93
CA GLY A 489 -40.24 -15.88 -2.24
C GLY A 489 -39.66 -14.48 -2.21
N GLY A 490 -38.99 -14.11 -1.12
CA GLY A 490 -38.38 -12.80 -1.05
C GLY A 490 -39.29 -11.69 -0.58
N VAL A 491 -40.44 -12.01 -0.01
CA VAL A 491 -41.29 -10.98 0.56
C VAL A 491 -40.83 -10.66 1.97
N THR A 492 -40.34 -11.67 2.70
CA THR A 492 -39.94 -11.52 4.09
C THR A 492 -38.57 -12.15 4.29
N TRP A 493 -37.68 -11.41 4.97
CA TRP A 493 -36.36 -11.90 5.35
C TRP A 493 -36.29 -11.79 6.87
N LEU A 494 -36.61 -12.88 7.55
CA LEU A 494 -36.73 -12.82 9.00
C LEU A 494 -35.34 -12.78 9.64
N PRO A 495 -35.08 -11.84 10.55
CA PRO A 495 -33.79 -11.86 11.26
C PRO A 495 -33.45 -13.20 11.87
N GLU A 496 -34.47 -14.01 12.17
CA GLU A 496 -34.26 -15.36 12.69
C GLU A 496 -33.47 -16.22 11.71
N HIS A 497 -33.63 -16.01 10.41
CA HIS A 497 -33.04 -16.89 9.41
C HIS A 497 -31.85 -16.23 8.74
N GLN A 498 -30.83 -15.92 9.55
CA GLN A 498 -29.67 -15.18 9.07
C GLN A 498 -28.44 -15.68 9.82
N VAL A 499 -27.30 -15.74 9.13
CA VAL A 499 -26.03 -16.14 9.72
C VAL A 499 -25.01 -15.05 9.43
N MET A 500 -24.43 -14.48 10.49
CA MET A 500 -23.43 -13.42 10.36
C MET A 500 -22.05 -14.08 10.38
N LEU A 501 -21.35 -14.01 9.25
CA LEU A 501 -20.09 -14.73 9.07
C LEU A 501 -18.84 -13.92 9.39
N ASP A 502 -18.89 -12.59 9.23
CA ASP A 502 -17.65 -11.79 9.31
C ASP A 502 -18.02 -10.38 9.75
N GLU A 503 -17.79 -10.08 11.04
CA GLU A 503 -18.03 -8.75 11.58
C GLU A 503 -16.96 -7.74 11.18
N GLY A 504 -15.84 -8.18 10.60
CA GLY A 504 -14.78 -7.28 10.22
C GLY A 504 -15.05 -6.56 8.92
N GLU A 505 -14.19 -5.58 8.62
CA GLU A 505 -14.31 -4.80 7.41
C GLU A 505 -13.58 -5.49 6.27
N GLY A 506 -14.10 -5.33 5.07
CA GLY A 506 -13.49 -5.89 3.88
C GLY A 506 -14.05 -5.22 2.65
N TRP A 507 -13.80 -5.85 1.50
CA TRP A 507 -14.25 -5.29 0.23
C TRP A 507 -15.70 -5.64 -0.09
N GLY A 508 -16.27 -6.63 0.59
CA GLY A 508 -17.72 -6.75 0.72
C GLY A 508 -18.43 -7.65 -0.28
N TYR A 509 -17.78 -8.02 -1.39
CA TYR A 509 -18.47 -8.81 -2.41
C TYR A 509 -18.57 -10.28 -1.99
N SER A 510 -19.57 -10.97 -2.53
CA SER A 510 -19.84 -12.35 -2.13
C SER A 510 -20.66 -13.05 -3.21
N CYS A 511 -20.54 -14.37 -3.27
CA CYS A 511 -21.36 -15.17 -4.17
C CYS A 511 -21.68 -16.51 -3.54
N LEU A 512 -22.95 -16.92 -3.67
CA LEU A 512 -23.48 -18.12 -3.05
C LEU A 512 -23.66 -19.26 -4.05
N THR A 513 -23.62 -20.48 -3.54
CA THR A 513 -24.05 -21.65 -4.27
C THR A 513 -24.53 -22.67 -3.25
N MET A 514 -25.24 -23.69 -3.73
CA MET A 514 -25.50 -24.87 -2.91
C MET A 514 -24.40 -25.90 -3.21
N ILE A 515 -23.63 -26.24 -2.18
CA ILE A 515 -22.67 -27.33 -2.30
C ILE A 515 -23.41 -28.63 -2.55
N ASP A 516 -24.45 -28.89 -1.76
CA ASP A 516 -25.30 -30.06 -1.93
C ASP A 516 -26.62 -29.76 -1.22
N LYS A 517 -27.51 -30.74 -1.24
CA LYS A 517 -28.91 -30.54 -0.85
C LYS A 517 -29.06 -29.98 0.57
N GLU A 518 -28.01 -29.98 1.38
CA GLU A 518 -28.14 -29.47 2.73
C GLU A 518 -27.06 -28.46 3.13
N THR A 519 -26.22 -28.01 2.18
CA THR A 519 -25.09 -27.18 2.57
C THR A 519 -24.90 -26.04 1.58
N ILE A 520 -24.83 -24.82 2.11
CA ILE A 520 -24.56 -23.62 1.33
C ILE A 520 -23.05 -23.43 1.26
N GLY A 521 -22.55 -23.04 0.10
CA GLY A 521 -21.18 -22.59 -0.06
C GLY A 521 -21.18 -21.11 -0.36
N ILE A 522 -20.22 -20.38 0.22
CA ILE A 522 -20.08 -18.96 -0.05
C ILE A 522 -18.61 -18.66 -0.28
N LEU A 523 -18.33 -17.92 -1.34
CA LEU A 523 -17.02 -17.37 -1.65
C LEU A 523 -17.14 -15.85 -1.59
N TYR A 524 -16.34 -15.21 -0.74
CA TYR A 524 -16.54 -13.79 -0.56
C TYR A 524 -15.24 -13.10 -0.14
N GLU A 525 -15.22 -11.79 -0.34
CA GLU A 525 -14.15 -10.91 0.11
C GLU A 525 -14.35 -10.68 1.61
N SER A 526 -13.44 -11.16 2.42
CA SER A 526 -13.59 -11.14 3.87
C SER A 526 -12.50 -10.29 4.52
N SER A 527 -12.60 -10.12 5.84
CA SER A 527 -11.60 -9.42 6.62
C SER A 527 -10.38 -10.28 6.91
N VAL A 528 -10.33 -11.53 6.43
CA VAL A 528 -9.25 -12.43 6.77
C VAL A 528 -8.59 -13.03 5.53
N ALA A 529 -9.24 -12.92 4.37
CA ALA A 529 -8.62 -13.39 3.14
C ALA A 529 -9.36 -12.80 1.94
N HIS A 530 -8.59 -12.49 0.89
CA HIS A 530 -9.19 -11.87 -0.29
C HIS A 530 -10.30 -12.73 -0.87
N MET A 531 -10.10 -14.04 -0.93
CA MET A 531 -11.14 -14.98 -1.32
C MET A 531 -11.27 -15.98 -0.18
N THR A 532 -12.39 -15.91 0.52
CA THR A 532 -12.69 -16.76 1.65
C THR A 532 -13.88 -17.65 1.30
N PHE A 533 -13.74 -18.94 1.53
CA PHE A 533 -14.81 -19.89 1.28
C PHE A 533 -15.27 -20.50 2.59
N GLN A 534 -16.58 -20.57 2.77
CA GLN A 534 -17.17 -21.20 3.94
C GLN A 534 -18.37 -22.04 3.53
N ALA A 535 -18.57 -23.12 4.27
CA ALA A 535 -19.73 -23.99 4.13
C ALA A 535 -20.63 -23.79 5.34
N VAL A 536 -21.93 -23.60 5.08
CA VAL A 536 -22.91 -23.30 6.13
C VAL A 536 -24.09 -24.24 5.94
N GLN A 537 -24.38 -25.05 6.96
CA GLN A 537 -25.47 -26.00 6.84
C GLN A 537 -26.80 -25.27 6.72
N LEU A 538 -27.64 -25.74 5.81
CA LEU A 538 -28.93 -25.12 5.58
C LEU A 538 -29.79 -25.13 6.84
N ARG A 539 -29.60 -26.14 7.71
CA ARG A 539 -30.33 -26.21 8.96
C ARG A 539 -29.86 -25.16 9.96
N ASP A 540 -28.61 -24.70 9.86
CA ASP A 540 -28.13 -23.66 10.75
C ASP A 540 -28.89 -22.35 10.52
N ILE A 541 -29.29 -22.07 9.28
CA ILE A 541 -29.95 -20.81 8.97
C ILE A 541 -31.48 -20.94 8.98
N ILE A 542 -32.02 -22.14 8.86
CA ILE A 542 -33.46 -22.38 8.94
C ILE A 542 -33.65 -23.58 9.86
N LYS A 543 -33.84 -23.32 11.15
CA LYS A 543 -33.86 -24.36 12.17
C LYS A 543 -35.25 -24.99 12.29
N SER B 22 -0.79 16.61 -40.03
CA SER B 22 0.39 15.77 -39.88
C SER B 22 0.79 15.68 -38.40
N ASP B 23 1.33 14.53 -38.01
CA ASP B 23 1.53 14.24 -36.59
C ASP B 23 2.92 14.68 -36.13
N THR B 24 2.98 15.10 -34.88
CA THR B 24 4.21 15.51 -34.22
C THR B 24 4.45 14.60 -33.02
N VAL B 25 5.69 14.15 -32.86
CA VAL B 25 6.09 13.42 -31.67
C VAL B 25 6.64 14.44 -30.68
N PHE B 26 5.97 14.53 -29.52
CA PHE B 26 6.42 15.41 -28.46
C PHE B 26 7.31 14.63 -27.51
N VAL B 27 8.40 15.27 -27.07
CA VAL B 27 9.45 14.64 -26.30
C VAL B 27 9.61 15.40 -25.00
N ARG B 28 9.66 14.68 -23.88
CA ARG B 28 10.00 15.26 -22.58
C ARG B 28 11.15 14.47 -21.98
N GLU B 29 12.33 15.09 -21.96
CA GLU B 29 13.49 14.53 -21.30
C GLU B 29 13.34 14.65 -19.78
N THR B 30 13.73 13.60 -19.06
CA THR B 30 13.56 13.58 -17.62
C THR B 30 14.72 14.29 -16.92
N GLN B 31 14.50 14.61 -15.64
CA GLN B 31 15.53 15.20 -14.77
C GLN B 31 15.43 14.50 -13.41
N ILE B 32 15.80 13.23 -13.40
CA ILE B 32 15.80 12.41 -12.19
C ILE B 32 17.09 11.62 -12.14
N PRO B 33 17.48 11.17 -10.95
CA PRO B 33 18.74 10.42 -10.83
C PRO B 33 18.70 9.10 -11.59
N VAL B 34 19.81 8.79 -12.26
CA VAL B 34 20.00 7.52 -12.95
C VAL B 34 20.68 6.57 -11.97
N LEU B 35 19.91 5.63 -11.42
CA LEU B 35 20.47 4.74 -10.40
C LEU B 35 21.35 3.69 -11.05
N ILE B 36 22.58 3.57 -10.55
CA ILE B 36 23.56 2.69 -11.18
C ILE B 36 23.13 1.23 -11.09
N GLU B 37 22.46 0.84 -10.00
CA GLU B 37 22.04 -0.55 -9.83
C GLU B 37 20.68 -0.86 -10.43
N ARG B 38 19.96 0.13 -10.96
CA ARG B 38 18.68 -0.15 -11.61
C ARG B 38 18.89 -0.81 -12.97
N GLN B 39 17.94 -1.67 -13.35
CA GLN B 39 17.92 -2.26 -14.67
C GLN B 39 17.32 -1.33 -15.71
N ASP B 40 16.57 -0.31 -15.27
CA ASP B 40 15.92 0.67 -16.12
C ASP B 40 15.96 2.02 -15.44
N ASN B 41 16.11 3.08 -16.23
CA ASN B 41 15.93 4.45 -15.77
C ASN B 41 15.26 5.23 -16.89
N VAL B 42 14.25 6.03 -16.55
CA VAL B 42 13.51 6.79 -17.56
C VAL B 42 14.34 7.98 -18.00
N LEU B 43 14.72 8.00 -19.28
CA LEU B 43 15.53 9.08 -19.85
C LEU B 43 14.70 10.04 -20.70
N PHE B 44 13.88 9.51 -21.61
CA PHE B 44 13.00 10.32 -22.44
C PHE B 44 11.61 9.70 -22.45
N MET B 45 10.58 10.55 -22.43
CA MET B 45 9.21 10.14 -22.69
C MET B 45 8.76 10.72 -24.03
N LEU B 46 8.00 9.93 -24.78
CA LEU B 46 7.53 10.34 -26.09
C LEU B 46 6.02 10.14 -26.19
N ARG B 47 5.35 11.13 -26.78
CA ARG B 47 3.91 11.07 -26.98
C ARG B 47 3.62 11.36 -28.45
N LEU B 48 2.86 10.47 -29.07
CA LEU B 48 2.47 10.62 -30.48
C LEU B 48 0.98 10.40 -30.57
N ASN B 49 0.24 11.47 -30.85
CA ASN B 49 -1.19 11.35 -31.16
C ASN B 49 -1.30 10.99 -32.64
N ALA B 50 -1.64 9.73 -32.92
CA ALA B 50 -1.53 9.18 -34.27
C ALA B 50 -2.85 9.38 -35.01
N LYS B 51 -3.08 10.61 -35.44
CA LYS B 51 -4.22 10.89 -36.29
C LYS B 51 -3.96 10.43 -37.72
N GLU B 52 -2.71 10.45 -38.15
CA GLU B 52 -2.31 9.96 -39.47
C GLU B 52 -1.39 8.75 -39.43
N SER B 53 -0.58 8.61 -38.38
CA SER B 53 0.49 7.64 -38.37
C SER B 53 -0.03 6.24 -38.06
N HIS B 54 0.64 5.25 -38.62
CA HIS B 54 0.26 3.86 -38.44
C HIS B 54 1.32 3.01 -37.76
N THR B 55 2.60 3.29 -38.00
CA THR B 55 3.70 2.51 -37.42
C THR B 55 4.82 3.44 -37.02
N LEU B 56 5.40 3.21 -35.84
CA LEU B 56 6.64 3.86 -35.44
C LEU B 56 7.78 2.87 -35.65
N ASP B 57 8.71 3.22 -36.55
CA ASP B 57 9.74 2.30 -36.97
C ASP B 57 10.94 2.30 -36.03
N GLU B 58 11.47 3.48 -35.68
CA GLU B 58 12.68 3.53 -34.88
C GLU B 58 12.86 4.92 -34.28
N VAL B 59 13.70 4.98 -33.24
CA VAL B 59 14.16 6.22 -32.64
C VAL B 59 15.68 6.19 -32.63
N VAL B 60 16.31 7.26 -33.09
CA VAL B 60 17.76 7.34 -33.14
C VAL B 60 18.25 8.28 -32.05
N LEU B 61 19.16 7.80 -31.22
CA LEU B 61 19.67 8.50 -30.06
C LEU B 61 21.13 8.83 -30.30
N ASN B 62 21.54 10.03 -29.88
CA ASN B 62 22.94 10.45 -29.95
C ASN B 62 23.36 10.92 -28.57
N PHE B 63 24.26 10.19 -27.94
CA PHE B 63 24.85 10.65 -26.69
C PHE B 63 25.83 11.77 -26.95
N GLY B 64 25.94 12.70 -26.00
CA GLY B 64 26.88 13.78 -26.11
C GLY B 64 28.31 13.29 -26.23
N LYS B 65 29.18 14.20 -26.64
CA LYS B 65 30.55 13.82 -26.99
C LYS B 65 31.37 13.40 -25.77
N ASP B 66 31.03 13.91 -24.59
CA ASP B 66 31.82 13.66 -23.40
C ASP B 66 31.27 12.53 -22.54
N VAL B 67 30.16 11.91 -22.93
CA VAL B 67 29.66 10.74 -22.22
C VAL B 67 30.69 9.62 -22.31
N ASN B 68 30.89 8.93 -21.19
CA ASN B 68 31.72 7.73 -21.17
C ASN B 68 30.80 6.56 -21.52
N MET B 69 30.88 6.09 -22.77
CA MET B 69 30.01 5.00 -23.21
C MET B 69 30.36 3.69 -22.53
N SER B 70 31.60 3.55 -22.03
CA SER B 70 32.02 2.32 -21.35
C SER B 70 31.23 2.06 -20.08
N ASP B 71 30.64 3.10 -19.48
CA ASP B 71 29.85 2.94 -18.27
C ASP B 71 28.37 2.72 -18.56
N ILE B 72 27.98 2.67 -19.83
CA ILE B 72 26.58 2.48 -20.20
C ILE B 72 26.40 1.04 -20.64
N GLN B 73 25.50 0.33 -19.96
CA GLN B 73 25.26 -1.08 -20.21
C GLN B 73 24.25 -1.31 -21.33
N SER B 74 23.18 -0.52 -21.35
CA SER B 74 22.22 -0.68 -22.44
C SER B 74 21.30 0.52 -22.52
N VAL B 75 20.70 0.67 -23.69
CA VAL B 75 19.57 1.56 -23.89
C VAL B 75 18.43 0.73 -24.46
N LYS B 76 17.20 1.12 -24.10
CA LYS B 76 16.02 0.35 -24.48
C LYS B 76 14.93 1.30 -24.95
N LEU B 77 14.11 0.83 -25.88
CA LEU B 77 12.89 1.52 -26.29
C LEU B 77 11.70 0.68 -25.88
N TYR B 78 10.85 1.28 -25.03
CA TYR B 78 9.62 0.70 -24.52
C TYR B 78 8.40 1.37 -25.15
N TYR B 79 7.36 0.58 -25.38
CA TYR B 79 6.04 1.08 -25.73
C TYR B 79 5.11 0.88 -24.53
N SER B 80 4.35 1.93 -24.20
CA SER B 80 3.51 1.90 -23.00
C SER B 80 2.05 2.21 -23.32
N GLY B 81 1.65 2.09 -24.58
CA GLY B 81 0.24 2.09 -24.91
C GLY B 81 -0.37 3.47 -25.05
N THR B 82 -1.63 3.60 -24.62
CA THR B 82 -2.40 4.80 -24.90
C THR B 82 -2.86 5.49 -23.62
N GLU B 83 -3.83 6.39 -23.74
CA GLU B 83 -4.30 7.22 -22.65
C GLU B 83 -5.82 7.18 -22.60
N ALA B 84 -6.38 7.35 -21.40
CA ALA B 84 -7.83 7.50 -21.29
C ALA B 84 -8.28 8.75 -22.04
N ARG B 85 -9.38 8.63 -22.79
CA ARG B 85 -9.76 9.70 -23.70
C ARG B 85 -10.04 11.00 -22.94
N GLN B 86 -10.60 10.91 -21.72
CA GLN B 86 -10.85 12.12 -20.95
C GLN B 86 -9.56 12.83 -20.52
N ASN B 87 -8.39 12.22 -20.74
CA ASN B 87 -7.12 12.85 -20.40
C ASN B 87 -6.36 13.36 -21.61
N TYR B 88 -6.95 13.32 -22.80
CA TYR B 88 -6.30 13.94 -23.94
C TYR B 88 -6.18 15.45 -23.70
N GLY B 89 -5.09 16.03 -24.21
CA GLY B 89 -4.91 17.46 -24.13
C GLY B 89 -4.48 17.98 -22.77
N LYS B 90 -4.15 17.11 -21.83
CA LYS B 90 -3.60 17.52 -20.54
C LYS B 90 -2.08 17.51 -20.54
N ASN B 91 -1.45 17.28 -21.69
CA ASN B 91 -0.01 17.33 -21.85
C ASN B 91 0.70 16.27 -21.01
N PHE B 92 0.03 15.18 -20.68
CA PHE B 92 0.69 14.06 -20.05
C PHE B 92 1.67 13.42 -21.03
N PHE B 93 2.76 12.86 -20.49
CA PHE B 93 3.75 12.16 -21.30
C PHE B 93 3.90 10.69 -20.94
N ALA B 94 3.06 10.18 -20.03
CA ALA B 94 3.03 8.77 -19.67
C ALA B 94 1.66 8.46 -19.09
N PRO B 95 1.20 7.21 -19.17
CA PRO B 95 -0.09 6.86 -18.55
C PRO B 95 0.01 6.49 -17.09
N VAL B 96 1.23 6.30 -16.57
CA VAL B 96 1.44 5.66 -15.28
C VAL B 96 2.91 5.78 -14.95
N SER B 97 3.25 5.57 -13.68
CA SER B 97 4.66 5.53 -13.29
C SER B 97 5.29 4.24 -13.78
N TYR B 98 6.42 4.36 -14.49
CA TYR B 98 6.99 3.21 -15.18
C TYR B 98 7.81 2.31 -14.26
N ILE B 99 8.52 2.90 -13.30
CA ILE B 99 9.40 2.17 -12.41
C ILE B 99 9.05 2.56 -10.98
N SER B 100 8.60 1.59 -10.19
CA SER B 100 8.19 1.86 -8.82
C SER B 100 9.41 2.09 -7.93
N SER B 101 9.27 3.01 -6.98
CA SER B 101 10.20 3.11 -5.87
C SER B 101 9.55 2.67 -4.56
N HIS B 102 8.34 2.13 -4.63
CA HIS B 102 7.52 1.83 -3.46
C HIS B 102 7.29 0.35 -3.24
N THR B 103 7.17 -0.44 -4.29
CA THR B 103 6.73 -1.82 -4.16
C THR B 103 7.86 -2.69 -3.65
N PRO B 104 7.74 -3.28 -2.46
CA PRO B 104 8.88 -4.01 -1.88
C PRO B 104 9.43 -5.07 -2.81
N GLY B 105 10.74 -5.02 -3.05
CA GLY B 105 11.42 -5.99 -3.88
C GLY B 105 11.25 -5.81 -5.37
N LYS B 106 10.53 -4.78 -5.82
CA LYS B 106 10.28 -4.58 -7.24
C LYS B 106 10.47 -3.11 -7.62
N THR B 107 11.61 -2.53 -7.24
CA THR B 107 11.89 -1.13 -7.58
C THR B 107 13.09 -0.97 -8.50
N LEU B 108 13.68 -2.06 -8.99
CA LEU B 108 14.90 -1.97 -9.79
C LEU B 108 14.64 -2.06 -11.30
N ALA B 109 13.51 -2.61 -11.72
CA ALA B 109 13.23 -2.81 -13.14
C ALA B 109 11.86 -2.27 -13.50
N ALA B 110 11.72 -1.87 -14.77
CA ALA B 110 10.43 -1.41 -15.27
C ALA B 110 9.36 -2.47 -15.03
N ASN B 111 8.21 -2.05 -14.55
CA ASN B 111 7.08 -2.95 -14.38
C ASN B 111 6.67 -3.48 -15.77
N PRO B 112 6.83 -4.79 -16.02
CA PRO B 112 6.57 -5.28 -17.38
C PRO B 112 5.13 -5.12 -17.83
N SER B 113 4.16 -5.04 -16.91
CA SER B 113 2.78 -4.90 -17.34
C SER B 113 2.47 -3.50 -17.87
N TYR B 114 3.31 -2.50 -17.57
CA TYR B 114 3.09 -1.15 -18.07
C TYR B 114 3.91 -0.82 -19.33
N SER B 115 4.93 -1.61 -19.66
CA SER B 115 5.88 -1.23 -20.70
C SER B 115 6.37 -2.46 -21.44
N ILE B 116 6.23 -2.45 -22.77
CA ILE B 116 6.70 -3.52 -23.63
C ILE B 116 8.06 -3.15 -24.18
N ASN B 117 9.07 -3.98 -23.90
CA ASN B 117 10.42 -3.77 -24.42
C ASN B 117 10.40 -4.06 -25.92
N LYS B 118 10.55 -3.00 -26.73
CA LYS B 118 10.49 -3.13 -28.17
C LYS B 118 11.87 -3.31 -28.77
N SER B 119 12.88 -2.64 -28.21
CA SER B 119 14.24 -2.93 -28.65
C SER B 119 15.23 -2.60 -27.54
N GLN B 120 16.40 -3.24 -27.63
CA GLN B 120 17.46 -3.05 -26.65
C GLN B 120 18.81 -3.14 -27.36
N VAL B 121 19.70 -2.21 -27.04
CA VAL B 121 21.08 -2.25 -27.51
C VAL B 121 22.00 -2.25 -26.29
N ASN B 122 22.78 -3.32 -26.16
CA ASN B 122 23.78 -3.43 -25.10
C ASN B 122 25.12 -2.91 -25.61
N ASN B 123 25.93 -2.40 -24.69
CA ASN B 123 27.22 -1.80 -24.99
C ASN B 123 27.08 -0.87 -26.18
N PRO B 124 26.18 0.11 -26.12
CA PRO B 124 25.86 0.89 -27.31
C PRO B 124 27.02 1.78 -27.75
N LYS B 125 27.02 2.09 -29.04
CA LYS B 125 27.87 3.15 -29.55
C LYS B 125 27.21 4.50 -29.29
N ARG B 126 28.01 5.57 -29.40
CA ARG B 126 27.51 6.90 -29.09
C ARG B 126 26.24 7.24 -29.86
N LYS B 127 26.11 6.75 -31.09
CA LYS B 127 24.89 6.85 -31.86
C LYS B 127 24.22 5.48 -31.91
N VAL B 128 22.93 5.43 -31.53
CA VAL B 128 22.21 4.18 -31.34
C VAL B 128 20.88 4.26 -32.06
N ALA B 129 20.54 3.23 -32.84
CA ALA B 129 19.21 3.11 -33.42
C ALA B 129 18.42 2.09 -32.63
N LEU B 130 17.24 2.49 -32.14
CA LEU B 130 16.34 1.62 -31.39
C LEU B 130 15.12 1.36 -32.24
N LYS B 131 15.00 0.14 -32.77
CA LYS B 131 13.85 -0.21 -33.59
C LYS B 131 12.61 -0.41 -32.72
N ALA B 132 11.44 -0.23 -33.35
CA ALA B 132 10.18 -0.54 -32.68
C ALA B 132 9.29 -1.37 -33.58
N ASN B 133 9.09 -0.93 -34.81
CA ASN B 133 8.05 -1.48 -35.68
C ASN B 133 6.75 -1.63 -34.89
N GLN B 134 6.41 -0.58 -34.16
CA GLN B 134 5.26 -0.59 -33.26
C GLN B 134 4.03 -0.11 -34.02
N LYS B 135 3.02 -0.98 -34.14
CA LYS B 135 1.73 -0.54 -34.63
C LYS B 135 1.14 0.46 -33.64
N LEU B 136 0.65 1.58 -34.16
CA LEU B 136 0.19 2.68 -33.32
C LEU B 136 -1.31 2.56 -33.03
N PHE B 137 -1.67 2.91 -31.79
CA PHE B 137 -3.07 3.05 -31.43
C PHE B 137 -3.66 4.27 -32.13
N PRO B 138 -4.89 4.17 -32.65
CA PRO B 138 -5.53 5.36 -33.25
C PRO B 138 -5.86 6.41 -32.22
N GLY B 139 -4.87 7.16 -31.79
CA GLY B 139 -4.97 8.10 -30.69
C GLY B 139 -3.61 8.32 -30.07
N ILE B 140 -3.60 8.58 -28.76
CA ILE B 140 -2.34 8.84 -28.06
C ILE B 140 -1.54 7.56 -27.97
N ASN B 141 -0.22 7.69 -28.15
CA ASN B 141 0.72 6.59 -28.04
C ASN B 141 1.90 7.06 -27.20
N TYR B 142 2.26 6.28 -26.19
CA TYR B 142 3.35 6.61 -25.29
C TYR B 142 4.53 5.67 -25.52
N PHE B 143 5.73 6.24 -25.66
CA PHE B 143 6.97 5.49 -25.68
C PHE B 143 7.92 6.07 -24.65
N TRP B 144 8.95 5.30 -24.29
CA TRP B 144 10.00 5.88 -23.47
C TRP B 144 11.33 5.15 -23.68
N ILE B 145 12.41 5.90 -23.46
CA ILE B 145 13.77 5.39 -23.58
C ILE B 145 14.31 5.11 -22.19
N SER B 146 14.87 3.93 -22.01
CA SER B 146 15.46 3.51 -20.75
C SER B 146 16.98 3.47 -20.89
N LEU B 147 17.65 3.95 -19.84
CA LEU B 147 19.10 3.96 -19.75
C LEU B 147 19.53 3.07 -18.60
N GLN B 148 20.41 2.11 -18.87
CA GLN B 148 20.95 1.22 -17.86
C GLN B 148 22.46 1.36 -17.85
N MET B 149 23.02 1.74 -16.70
CA MET B 149 24.45 1.87 -16.51
C MET B 149 25.09 0.52 -16.24
N LYS B 150 26.41 0.47 -16.44
CA LYS B 150 27.20 -0.63 -15.93
C LYS B 150 27.25 -0.58 -14.41
N PRO B 151 27.28 -1.73 -13.74
CA PRO B 151 27.26 -1.71 -12.27
C PRO B 151 28.43 -0.98 -11.65
N ASP B 152 29.59 -0.93 -12.31
CA ASP B 152 30.78 -0.30 -11.76
C ASP B 152 30.95 1.14 -12.23
N ALA B 153 29.89 1.74 -12.77
CA ALA B 153 29.99 3.12 -13.23
C ALA B 153 30.35 4.06 -12.09
N SER B 154 30.98 5.17 -12.44
CA SER B 154 31.45 6.14 -11.46
C SER B 154 30.34 7.11 -11.08
N LEU B 155 30.32 7.51 -9.80
CA LEU B 155 29.29 8.43 -9.31
C LEU B 155 29.36 9.78 -9.99
N LEU B 156 30.51 10.16 -10.54
CA LEU B 156 30.64 11.47 -11.17
C LEU B 156 30.20 11.48 -12.63
N ASP B 157 29.72 10.35 -13.14
CA ASP B 157 29.30 10.30 -14.53
C ASP B 157 28.18 11.29 -14.79
N LYS B 158 28.31 12.00 -15.91
CA LYS B 158 27.26 12.85 -16.45
C LYS B 158 26.88 12.32 -17.82
N VAL B 159 25.59 12.19 -18.06
CA VAL B 159 25.08 11.65 -19.31
C VAL B 159 24.25 12.74 -19.97
N ALA B 160 24.61 13.08 -21.21
CA ALA B 160 23.85 13.99 -22.05
C ALA B 160 23.47 13.24 -23.32
N ALA B 161 22.28 13.52 -23.84
CA ALA B 161 21.82 12.82 -25.03
C ALA B 161 20.80 13.68 -25.74
N LYS B 162 20.57 13.34 -27.01
CA LYS B 162 19.55 13.96 -27.83
C LYS B 162 18.88 12.89 -28.68
N ILE B 163 17.62 13.12 -29.02
CA ILE B 163 16.92 12.26 -29.96
C ILE B 163 17.12 12.87 -31.34
N ALA B 164 17.96 12.22 -32.16
CA ALA B 164 18.32 12.76 -33.46
C ALA B 164 17.21 12.57 -34.49
N ALA B 165 16.49 11.45 -34.44
CA ALA B 165 15.45 11.22 -35.41
C ALA B 165 14.42 10.24 -34.85
N ILE B 166 13.19 10.37 -35.35
CA ILE B 166 12.11 9.43 -35.11
C ILE B 166 11.48 9.12 -36.46
N LYS B 167 11.49 7.85 -36.85
CA LYS B 167 10.94 7.42 -38.13
C LYS B 167 9.54 6.88 -37.91
N VAL B 168 8.58 7.43 -38.65
CA VAL B 168 7.19 7.00 -38.58
C VAL B 168 6.71 6.75 -40.02
N ASP B 169 6.18 5.55 -40.26
CA ASP B 169 5.73 5.18 -41.60
C ASP B 169 6.86 5.38 -42.61
N ASN B 170 8.07 5.02 -42.18
CA ASN B 170 9.28 5.04 -43.02
C ASN B 170 9.61 6.44 -43.51
N LYS B 171 9.20 7.45 -42.76
CA LYS B 171 9.59 8.83 -43.03
C LYS B 171 10.05 9.46 -41.73
N GLU B 172 10.81 10.55 -41.85
CA GLU B 172 11.24 11.28 -40.67
C GLU B 172 10.06 12.05 -40.09
N ALA B 173 9.80 11.84 -38.80
CA ALA B 173 8.65 12.46 -38.14
C ALA B 173 9.02 13.81 -37.58
N LEU B 174 8.03 14.69 -37.50
CA LEU B 174 8.22 15.98 -36.83
C LEU B 174 8.40 15.76 -35.34
N MET B 175 9.37 16.47 -34.76
CA MET B 175 9.71 16.37 -33.35
C MET B 175 9.53 17.72 -32.66
N HIS B 176 9.01 17.71 -31.44
CA HIS B 176 8.99 18.91 -30.62
C HIS B 176 9.35 18.56 -29.18
N THR B 177 10.43 19.16 -28.68
CA THR B 177 10.90 18.89 -27.33
C THR B 177 10.39 19.98 -26.39
N VAL B 178 9.71 19.57 -25.32
CA VAL B 178 9.14 20.52 -24.38
C VAL B 178 10.08 20.80 -23.21
N SER B 179 11.07 19.94 -22.98
CA SER B 179 12.04 20.08 -21.90
C SER B 179 13.25 20.89 -22.37
N PRO B 180 14.00 21.46 -21.45
CA PRO B 180 15.07 22.39 -21.84
C PRO B 180 16.28 21.69 -22.45
N GLU B 181 17.10 22.50 -23.10
CA GLU B 181 18.36 22.02 -23.65
C GLU B 181 19.40 21.80 -22.56
N ASN B 182 20.40 20.99 -22.89
CA ASN B 182 21.60 20.83 -22.06
C ASN B 182 21.25 20.30 -20.67
N ILE B 183 20.26 19.41 -20.61
CA ILE B 183 20.02 18.66 -19.37
C ILE B 183 21.23 17.79 -19.09
N VAL B 184 21.69 17.83 -17.84
CA VAL B 184 22.76 16.95 -17.37
C VAL B 184 22.10 15.86 -16.53
N HIS B 185 22.14 14.62 -17.03
CA HIS B 185 21.67 13.47 -16.26
C HIS B 185 22.78 12.99 -15.33
N ARG B 186 22.46 12.90 -14.05
CA ARG B 186 23.40 12.46 -13.03
C ARG B 186 23.05 11.06 -12.55
N VAL B 187 24.08 10.29 -12.21
CA VAL B 187 23.89 8.97 -11.64
C VAL B 187 23.78 9.09 -10.13
N GLY B 188 23.41 7.99 -9.49
CA GLY B 188 23.34 7.92 -8.04
C GLY B 188 23.25 6.47 -7.64
N VAL B 189 23.16 6.27 -6.33
CA VAL B 189 23.11 4.93 -5.77
C VAL B 189 21.90 4.85 -4.86
N GLY B 190 21.07 3.84 -5.07
CA GLY B 190 20.02 3.54 -4.14
C GLY B 190 20.59 2.81 -2.94
N VAL B 191 20.96 3.57 -1.89
CA VAL B 191 21.52 2.95 -0.70
C VAL B 191 20.50 2.04 -0.07
N ARG B 192 19.23 2.43 -0.11
CA ARG B 192 18.14 1.67 0.49
C ARG B 192 16.96 1.70 -0.48
N HIS B 193 16.39 0.53 -0.73
CA HIS B 193 15.20 0.40 -1.57
C HIS B 193 14.08 -0.21 -0.75
N ALA B 194 12.84 0.11 -1.14
CA ALA B 194 11.67 -0.51 -0.53
C ALA B 194 11.84 -2.03 -0.50
N GLY B 195 11.67 -2.61 0.68
CA GLY B 195 11.80 -4.04 0.85
C GLY B 195 13.17 -4.53 1.29
N ASP B 196 14.22 -3.72 1.13
CA ASP B 196 15.55 -4.19 1.48
C ASP B 196 15.62 -4.65 2.93
N ASP B 197 16.30 -5.77 3.15
CA ASP B 197 16.52 -6.30 4.49
C ASP B 197 15.21 -6.44 5.26
N GLY B 198 14.14 -6.78 4.54
CA GLY B 198 12.87 -7.06 5.17
C GLY B 198 12.09 -5.86 5.66
N SER B 199 12.50 -4.64 5.29
CA SER B 199 11.79 -3.44 5.72
C SER B 199 10.97 -2.86 4.59
N ALA B 200 9.71 -2.54 4.89
CA ALA B 200 8.82 -1.97 3.88
C ALA B 200 9.34 -0.62 3.40
N SER B 201 9.85 0.21 4.31
CA SER B 201 10.30 1.53 3.89
C SER B 201 11.48 2.02 4.71
N PHE B 202 12.13 3.04 4.17
CA PHE B 202 13.21 3.75 4.83
C PHE B 202 12.96 5.24 4.66
N ARG B 203 13.14 6.00 5.73
CA ARG B 203 12.85 7.43 5.67
C ARG B 203 13.82 8.20 6.55
N ILE B 204 13.86 9.52 6.37
CA ILE B 204 14.55 10.47 7.25
C ILE B 204 16.07 10.35 7.21
N PRO B 205 16.72 10.89 6.18
CA PRO B 205 18.17 10.71 6.04
C PRO B 205 19.00 11.66 6.90
N GLY B 206 20.10 11.13 7.42
CA GLY B 206 21.19 11.96 7.92
C GLY B 206 22.51 11.47 7.35
N LEU B 207 23.45 12.39 7.19
CA LEU B 207 24.69 12.05 6.48
C LEU B 207 25.85 12.88 7.02
N VAL B 208 26.96 12.20 7.33
CA VAL B 208 28.19 12.89 7.72
C VAL B 208 29.39 12.21 7.07
N THR B 209 30.53 12.92 7.14
CA THR B 209 31.83 12.44 6.69
C THR B 209 32.77 12.48 7.90
N THR B 210 33.35 11.34 8.25
CA THR B 210 34.24 11.29 9.40
C THR B 210 35.59 11.89 9.03
N ASN B 211 36.44 12.06 10.06
CA ASN B 211 37.78 12.57 9.85
C ASN B 211 38.61 11.68 8.95
N LYS B 212 38.18 10.45 8.72
CA LYS B 212 38.90 9.52 7.86
C LYS B 212 38.28 9.41 6.46
N GLY B 213 37.35 10.30 6.13
CA GLY B 213 36.72 10.28 4.83
C GLY B 213 35.59 9.30 4.68
N THR B 214 35.24 8.58 5.75
CA THR B 214 34.15 7.61 5.70
C THR B 214 32.81 8.34 5.67
N LEU B 215 31.90 7.83 4.83
CA LEU B 215 30.54 8.35 4.77
C LEU B 215 29.64 7.51 5.66
N LEU B 216 28.85 8.18 6.49
CA LEU B 216 27.90 7.51 7.38
C LEU B 216 26.51 8.11 7.13
N GLY B 217 25.59 7.26 6.67
CA GLY B 217 24.22 7.67 6.46
C GLY B 217 23.29 6.92 7.39
N VAL B 218 22.41 7.64 8.07
CA VAL B 218 21.46 7.06 8.99
C VAL B 218 20.04 7.34 8.49
N TYR B 219 19.11 6.55 9.00
CA TYR B 219 17.73 6.65 8.54
C TYR B 219 16.83 5.80 9.45
N ASP B 220 15.53 6.15 9.46
CA ASP B 220 14.49 5.24 9.90
C ASP B 220 14.45 3.99 9.02
N VAL B 221 14.47 2.83 9.69
CA VAL B 221 14.04 1.56 9.14
C VAL B 221 12.59 1.37 9.61
N ARG B 222 11.63 1.59 8.69
CA ARG B 222 10.20 1.50 8.99
C ARG B 222 9.70 0.17 8.42
N TYR B 223 9.72 -0.86 9.28
CA TYR B 223 9.58 -2.24 8.83
C TYR B 223 8.19 -2.53 8.27
N ASN B 224 7.13 -2.05 8.92
CA ASN B 224 5.78 -2.47 8.56
C ASN B 224 5.18 -1.65 7.44
N ASN B 225 5.49 -0.36 7.40
CA ASN B 225 4.94 0.57 6.42
C ASN B 225 5.59 1.93 6.67
N SER B 226 5.17 2.96 5.96
CA SER B 226 5.87 4.24 6.02
C SER B 226 5.34 5.19 7.09
N ALA B 227 4.53 4.70 8.04
CA ALA B 227 3.98 5.57 9.06
C ALA B 227 5.08 6.11 9.99
N ASP B 228 4.87 7.34 10.45
CA ASP B 228 5.70 7.90 11.51
C ASP B 228 5.52 7.10 12.80
N LEU B 229 6.46 7.30 13.73
CA LEU B 229 6.28 6.83 15.10
C LEU B 229 4.90 7.25 15.60
N GLN B 230 4.23 6.39 16.36
CA GLN B 230 4.72 5.12 16.87
C GLN B 230 4.58 3.99 15.86
N GLU B 231 5.60 3.14 15.80
CA GLU B 231 5.56 1.94 14.98
C GLU B 231 6.85 1.14 15.19
N HIS B 232 6.98 0.04 14.47
CA HIS B 232 8.19 -0.77 14.52
C HIS B 232 9.25 -0.07 13.67
N VAL B 233 10.16 0.64 14.33
CA VAL B 233 11.14 1.46 13.64
C VAL B 233 12.47 1.35 14.36
N ASP B 234 13.53 1.13 13.60
CA ASP B 234 14.90 1.18 14.11
C ASP B 234 15.65 2.32 13.44
N ILE B 235 16.79 2.70 14.00
CA ILE B 235 17.73 3.54 13.28
C ILE B 235 18.72 2.62 12.56
N GLY B 236 18.80 2.75 11.25
CA GLY B 236 19.78 2.04 10.46
C GLY B 236 20.89 2.95 9.98
N LEU B 237 22.03 2.34 9.62
CA LEU B 237 23.21 3.07 9.22
C LEU B 237 23.94 2.32 8.11
N SER B 238 24.24 3.06 7.03
CA SER B 238 25.01 2.60 5.89
C SER B 238 26.34 3.32 5.89
N ARG B 239 27.43 2.56 5.72
CA ARG B 239 28.79 3.05 5.85
C ARG B 239 29.53 2.80 4.55
N SER B 240 30.20 3.83 4.03
CA SER B 240 30.94 3.73 2.79
C SER B 240 32.35 4.26 2.97
N VAL B 241 33.34 3.50 2.50
CA VAL B 241 34.74 3.89 2.57
C VAL B 241 35.30 4.27 1.21
N ASP B 242 34.45 4.37 0.19
CA ASP B 242 34.92 4.68 -1.16
C ASP B 242 34.09 5.78 -1.79
N GLY B 243 33.75 6.79 -0.99
CA GLY B 243 33.07 7.95 -1.52
C GLY B 243 31.62 7.75 -1.86
N GLY B 244 31.00 6.68 -1.36
CA GLY B 244 29.61 6.42 -1.63
C GLY B 244 29.33 5.50 -2.81
N LYS B 245 30.37 4.97 -3.45
CA LYS B 245 30.15 4.02 -4.55
C LYS B 245 29.57 2.72 -4.04
N THR B 246 30.08 2.21 -2.93
CA THR B 246 29.56 0.99 -2.33
C THR B 246 29.37 1.21 -0.84
N TRP B 247 28.40 0.49 -0.29
CA TRP B 247 27.98 0.67 1.08
C TRP B 247 27.99 -0.67 1.79
N GLU B 248 28.49 -0.66 3.02
CA GLU B 248 28.56 -1.88 3.82
C GLU B 248 27.18 -2.30 4.28
N LYS B 249 27.10 -3.55 4.73
CA LYS B 249 25.86 -4.10 5.27
C LYS B 249 25.25 -3.17 6.30
N MET B 250 23.93 -3.03 6.25
CA MET B 250 23.23 -2.11 7.14
C MET B 250 23.49 -2.46 8.59
N ARG B 251 23.87 -1.46 9.38
CA ARG B 251 24.00 -1.55 10.82
C ARG B 251 22.77 -0.94 11.49
N LEU B 252 22.62 -1.21 12.79
CA LEU B 252 21.46 -0.75 13.55
C LEU B 252 21.95 -0.08 14.83
N PRO B 253 22.36 1.19 14.75
CA PRO B 253 22.88 1.85 15.97
C PRO B 253 21.86 1.94 17.09
N LEU B 254 20.58 2.03 16.78
CA LEU B 254 19.56 2.18 17.82
C LEU B 254 18.37 1.30 17.47
N ALA B 255 17.99 0.45 18.42
CA ALA B 255 16.88 -0.47 18.24
C ALA B 255 16.47 -0.96 19.62
N PHE B 256 15.17 -0.94 19.91
CA PHE B 256 14.69 -1.20 21.25
C PHE B 256 13.83 -2.44 21.37
N GLY B 257 13.42 -3.05 20.25
CA GLY B 257 12.69 -4.30 20.28
C GLY B 257 11.62 -4.34 21.36
N GLU B 258 11.68 -5.35 22.23
CA GLU B 258 10.65 -5.54 23.25
C GLU B 258 11.07 -4.97 24.60
N THR B 259 11.77 -3.84 24.59
CA THR B 259 12.18 -3.18 25.82
C THR B 259 10.95 -2.81 26.65
N GLY B 260 11.09 -2.94 27.97
CA GLY B 260 10.00 -2.60 28.85
C GLY B 260 8.78 -3.48 28.67
N ASP B 261 8.97 -4.69 28.14
CA ASP B 261 7.96 -5.74 28.07
C ASP B 261 6.88 -5.47 27.03
N LEU B 262 7.06 -4.46 26.18
CA LEU B 262 6.09 -4.13 25.13
C LEU B 262 6.50 -4.70 23.79
N PRO B 263 5.55 -4.85 22.86
CA PRO B 263 5.92 -5.26 21.50
C PRO B 263 6.87 -4.27 20.84
N ALA B 264 7.66 -4.79 19.89
CA ALA B 264 8.60 -3.95 19.15
C ALA B 264 7.92 -2.76 18.51
N ALA B 265 6.71 -2.95 17.97
CA ALA B 265 6.02 -1.85 17.32
C ALA B 265 5.57 -0.78 18.30
N GLN B 266 5.68 -1.02 19.60
CA GLN B 266 5.44 0.01 20.61
C GLN B 266 6.75 0.44 21.26
N ASN B 267 7.81 0.43 20.46
CA ASN B 267 9.16 0.75 20.93
C ASN B 267 10.00 1.38 19.81
N GLY B 268 9.34 2.00 18.84
CA GLY B 268 10.08 2.56 17.72
C GLY B 268 11.05 3.65 18.16
N VAL B 269 12.12 3.81 17.39
CA VAL B 269 13.06 4.91 17.56
C VAL B 269 13.33 5.50 16.18
N GLY B 270 13.22 6.82 16.05
CA GLY B 270 13.18 7.43 14.74
C GLY B 270 13.66 8.87 14.66
N ASP B 271 13.63 9.39 13.42
CA ASP B 271 14.02 10.75 13.06
C ASP B 271 15.47 11.03 13.46
N PRO B 272 16.43 10.23 12.99
CA PRO B 272 17.80 10.35 13.52
C PRO B 272 18.52 11.61 13.08
N SER B 273 19.44 12.05 13.93
CA SER B 273 20.41 13.08 13.59
C SER B 273 21.80 12.57 13.96
N ILE B 274 22.78 12.80 13.09
CA ILE B 274 24.13 12.27 13.28
C ILE B 274 25.13 13.41 13.20
N LEU B 275 26.16 13.36 14.03
CA LEU B 275 27.24 14.33 13.95
C LEU B 275 28.58 13.66 14.21
N VAL B 276 29.63 14.27 13.67
CA VAL B 276 31.00 13.86 13.92
C VAL B 276 31.64 14.90 14.85
N ASP B 277 32.17 14.43 15.97
CA ASP B 277 33.02 15.25 16.84
C ASP B 277 34.38 15.33 16.16
N THR B 278 34.64 16.46 15.50
CA THR B 278 35.86 16.59 14.70
C THR B 278 37.13 16.58 15.55
N LYS B 279 37.02 16.84 16.86
CA LYS B 279 38.20 16.85 17.71
C LYS B 279 38.71 15.44 18.01
N THR B 280 37.81 14.45 18.01
CA THR B 280 38.16 13.09 18.38
C THR B 280 37.76 12.04 17.35
N ASN B 281 36.93 12.38 16.37
CA ASN B 281 36.29 11.49 15.41
C ASN B 281 35.24 10.57 16.04
N THR B 282 34.87 10.78 17.30
CA THR B 282 33.72 10.07 17.84
C THR B 282 32.46 10.51 17.10
N VAL B 283 31.62 9.55 16.74
CA VAL B 283 30.40 9.81 15.97
C VAL B 283 29.21 9.62 16.90
N TRP B 284 28.25 10.55 16.84
CA TRP B 284 27.08 10.54 17.70
C TRP B 284 25.81 10.47 16.86
N VAL B 285 24.88 9.61 17.25
CA VAL B 285 23.54 9.56 16.67
C VAL B 285 22.54 9.80 17.79
N VAL B 286 21.63 10.75 17.60
CA VAL B 286 20.52 11.01 18.53
C VAL B 286 19.21 10.70 17.81
N ALA B 287 18.26 10.14 18.56
CA ALA B 287 16.95 9.83 18.00
C ALA B 287 15.91 9.85 19.10
N ALA B 288 14.65 9.72 18.68
CA ALA B 288 13.50 9.75 19.58
C ALA B 288 12.96 8.33 19.73
N TRP B 289 13.05 7.80 20.95
CA TRP B 289 12.52 6.48 21.28
C TRP B 289 11.13 6.67 21.88
N THR B 290 10.12 6.18 21.19
CA THR B 290 8.75 6.24 21.67
C THR B 290 8.36 4.87 22.19
N HIS B 291 7.86 4.84 23.43
CA HIS B 291 7.51 3.61 24.13
C HIS B 291 6.03 3.64 24.49
N GLY B 292 5.31 2.58 24.12
CA GLY B 292 3.88 2.52 24.34
C GLY B 292 3.10 3.20 23.23
N MET B 293 2.07 3.97 23.59
CA MET B 293 1.34 4.84 22.67
C MET B 293 0.48 4.06 21.67
N GLY B 294 0.22 2.78 21.90
CA GLY B 294 -0.55 2.02 20.92
C GLY B 294 0.10 2.04 19.55
N ASN B 295 -0.76 2.21 18.53
CA ASN B 295 -0.32 2.36 17.14
C ASN B 295 -0.64 3.76 16.60
N GLN B 296 -0.64 4.75 17.48
CA GLN B 296 -0.96 6.13 17.11
C GLN B 296 0.33 6.92 16.88
N ARG B 297 0.15 8.12 16.31
CA ARG B 297 1.29 8.96 16.02
C ARG B 297 1.85 9.61 17.29
N ALA B 298 3.16 9.51 17.46
CA ALA B 298 3.81 10.09 18.63
C ALA B 298 3.56 11.59 18.73
N TRP B 299 3.43 12.28 17.60
CA TRP B 299 3.16 13.70 17.63
C TRP B 299 1.97 14.02 18.52
N TRP B 300 0.94 13.16 18.50
CA TRP B 300 -0.27 13.36 19.30
C TRP B 300 -0.33 12.47 20.54
N SER B 301 0.62 11.54 20.71
CA SER B 301 0.54 10.54 21.77
C SER B 301 1.63 10.67 22.83
N SER B 302 2.58 11.57 22.64
CA SER B 302 3.56 11.89 23.68
C SER B 302 3.00 12.99 24.56
N TYR B 303 3.14 12.83 25.88
CA TYR B 303 2.52 13.74 26.83
C TYR B 303 3.54 14.33 27.80
N PRO B 304 3.17 15.37 28.55
CA PRO B 304 4.09 15.89 29.57
C PRO B 304 4.51 14.78 30.54
N GLY B 305 5.68 14.97 31.11
CA GLY B 305 6.31 13.97 31.96
C GLY B 305 7.74 13.78 31.55
N MET B 306 8.36 12.73 32.11
CA MET B 306 9.76 12.47 31.88
C MET B 306 10.11 11.02 31.60
N ASP B 307 9.30 10.05 32.01
CA ASP B 307 9.68 8.65 31.86
C ASP B 307 9.04 8.05 30.61
N MET B 308 9.50 6.85 30.27
CA MET B 308 9.12 6.22 28.99
C MET B 308 7.65 5.89 28.92
N ASN B 309 6.96 5.77 30.05
CA ASN B 309 5.54 5.46 30.00
C ASN B 309 4.69 6.69 29.71
N HIS B 310 5.29 7.88 29.67
CA HIS B 310 4.55 9.11 29.43
C HIS B 310 5.03 9.90 28.23
N THR B 311 6.33 9.97 27.97
CA THR B 311 6.84 10.90 26.97
C THR B 311 7.98 10.28 26.18
N ALA B 312 8.14 10.75 24.95
CA ALA B 312 9.24 10.30 24.11
C ALA B 312 10.57 10.54 24.80
N GLN B 313 11.49 9.59 24.62
CA GLN B 313 12.81 9.63 25.24
C GLN B 313 13.86 10.06 24.20
N LEU B 314 14.77 10.91 24.61
CA LEU B 314 15.85 11.36 23.73
C LEU B 314 17.07 10.47 23.97
N VAL B 315 17.49 9.71 22.96
CA VAL B 315 18.51 8.68 23.17
C VAL B 315 19.67 8.88 22.22
N LEU B 316 20.88 8.54 22.70
CA LEU B 316 22.10 8.64 21.92
C LEU B 316 22.77 7.28 21.81
N SER B 317 23.46 7.07 20.67
CA SER B 317 24.45 6.02 20.52
C SER B 317 25.72 6.64 19.95
N LYS B 318 26.88 6.14 20.37
CA LYS B 318 28.14 6.69 19.92
C LYS B 318 29.06 5.60 19.40
N SER B 319 29.94 6.00 18.47
CA SER B 319 30.92 5.12 17.85
C SER B 319 32.30 5.75 17.97
N THR B 320 33.26 4.97 18.47
CA THR B 320 34.65 5.39 18.54
C THR B 320 35.54 4.62 17.57
N ASP B 321 34.96 3.87 16.64
CA ASP B 321 35.75 3.15 15.65
C ASP B 321 35.27 3.49 14.24
N ASP B 322 35.03 4.77 13.99
CA ASP B 322 34.74 5.29 12.65
C ASP B 322 33.40 4.77 12.12
N GLY B 323 32.45 4.50 13.02
CA GLY B 323 31.12 4.08 12.62
C GLY B 323 30.91 2.59 12.47
N LYS B 324 31.87 1.77 12.87
CA LYS B 324 31.73 0.32 12.68
C LYS B 324 30.89 -0.33 13.77
N THR B 325 30.99 0.15 15.01
CA THR B 325 30.21 -0.39 16.12
C THR B 325 29.67 0.74 16.98
N TRP B 326 28.58 0.45 17.69
CA TRP B 326 27.75 1.49 18.29
C TRP B 326 27.36 1.12 19.71
N SER B 327 27.44 2.10 20.59
CA SER B 327 27.21 1.88 22.01
C SER B 327 25.76 1.52 22.28
N LYS B 328 25.52 1.02 23.49
CA LYS B 328 24.17 0.88 23.98
C LYS B 328 23.57 2.27 24.15
N PRO B 329 22.25 2.38 24.10
CA PRO B 329 21.62 3.71 24.14
C PRO B 329 21.97 4.46 25.42
N ILE B 330 22.17 5.76 25.26
CA ILE B 330 22.36 6.69 26.38
C ILE B 330 21.13 7.58 26.42
N ASN B 331 20.34 7.47 27.49
CA ASN B 331 19.09 8.22 27.63
C ASN B 331 19.39 9.55 28.31
N ILE B 332 19.33 10.64 27.55
CA ILE B 332 19.67 11.96 28.08
C ILE B 332 18.43 12.81 28.37
N THR B 333 17.24 12.19 28.38
CA THR B 333 16.01 12.96 28.54
C THR B 333 16.05 13.81 29.80
N GLU B 334 16.51 13.24 30.91
CA GLU B 334 16.51 13.97 32.17
C GLU B 334 17.45 15.17 32.14
N GLN B 335 18.43 15.19 31.24
CA GLN B 335 19.36 16.31 31.19
C GLN B 335 18.73 17.56 30.57
N VAL B 336 17.84 17.40 29.60
CA VAL B 336 17.46 18.52 28.75
C VAL B 336 15.96 18.74 28.62
N LYS B 337 15.09 17.81 29.02
CA LYS B 337 13.67 17.98 28.78
C LYS B 337 12.99 18.68 29.95
N ASP B 338 12.23 19.73 29.63
CA ASP B 338 11.30 20.33 30.58
C ASP B 338 10.11 19.39 30.77
N PRO B 339 9.77 19.01 32.00
CA PRO B 339 8.64 18.08 32.19
C PRO B 339 7.34 18.53 31.52
N SER B 340 7.10 19.84 31.42
CA SER B 340 5.84 20.32 30.86
C SER B 340 5.78 20.21 29.34
N TRP B 341 6.89 19.93 28.67
CA TRP B 341 6.85 19.72 27.23
C TRP B 341 6.16 18.40 26.91
N TYR B 342 5.35 18.40 25.85
CA TYR B 342 4.70 17.17 25.42
C TYR B 342 5.68 16.24 24.71
N PHE B 343 6.68 16.79 24.03
CA PHE B 343 7.50 16.03 23.08
C PHE B 343 8.78 16.83 22.85
N LEU B 344 9.92 16.25 23.21
CA LEU B 344 11.21 16.81 22.87
C LEU B 344 11.94 15.83 21.95
N LEU B 345 12.40 16.31 20.81
CA LEU B 345 13.17 15.43 19.93
C LEU B 345 14.20 16.26 19.18
N GLN B 346 15.20 15.55 18.66
CA GLN B 346 16.19 16.15 17.76
C GLN B 346 15.52 16.64 16.47
N GLY B 347 16.22 17.56 15.79
CA GLY B 347 15.90 17.88 14.43
C GLY B 347 16.62 16.91 13.50
N PRO B 348 15.88 16.19 12.67
CA PRO B 348 16.49 15.10 11.88
C PRO B 348 17.53 15.64 10.91
N GLY B 349 18.55 14.82 10.68
CA GLY B 349 19.59 15.12 9.72
C GLY B 349 20.96 14.98 10.35
N ARG B 350 21.60 16.11 10.63
CA ARG B 350 22.92 16.10 11.22
C ARG B 350 23.08 17.24 12.20
N GLY B 351 24.12 17.12 13.04
CA GLY B 351 24.59 18.20 13.88
C GLY B 351 26.01 18.58 13.49
N ILE B 352 26.71 19.33 14.35
CA ILE B 352 28.00 19.91 13.99
C ILE B 352 28.94 19.90 15.19
N THR B 353 30.22 20.15 14.90
CA THR B 353 31.21 20.55 15.89
C THR B 353 31.58 22.00 15.59
N MET B 354 31.40 22.89 16.56
CA MET B 354 31.83 24.27 16.38
C MET B 354 33.35 24.34 16.42
N GLN B 355 33.90 25.44 15.90
CA GLN B 355 35.36 25.60 15.91
C GLN B 355 35.91 25.44 17.31
N ASP B 356 35.20 25.95 18.32
CA ASP B 356 35.69 25.85 19.70
C ASP B 356 35.44 24.48 20.33
N GLY B 357 34.96 23.50 19.57
CA GLY B 357 34.79 22.15 20.08
C GLY B 357 33.42 21.84 20.66
N THR B 358 32.50 22.79 20.69
CA THR B 358 31.16 22.52 21.20
C THR B 358 30.40 21.68 20.19
N LEU B 359 29.73 20.63 20.67
CA LEU B 359 28.87 19.81 19.81
C LEU B 359 27.45 20.34 19.85
N VAL B 360 26.79 20.35 18.69
CA VAL B 360 25.47 20.98 18.59
C VAL B 360 24.55 20.12 17.74
N PHE B 361 23.40 19.73 18.32
CA PHE B 361 22.30 19.08 17.63
C PHE B 361 21.11 20.03 17.60
N PRO B 362 20.51 20.33 16.45
CA PRO B 362 19.20 20.99 16.47
C PRO B 362 18.19 20.14 17.22
N ILE B 363 17.25 20.79 17.89
CA ILE B 363 16.15 20.12 18.58
C ILE B 363 14.85 20.87 18.34
N GLN B 364 13.75 20.28 18.82
CA GLN B 364 12.42 20.83 18.71
C GLN B 364 11.58 20.29 19.87
N PHE B 365 10.73 21.14 20.44
CA PHE B 365 9.84 20.69 21.50
C PHE B 365 8.46 21.29 21.38
N ILE B 366 7.45 20.46 21.64
CA ILE B 366 6.07 20.90 21.82
C ILE B 366 5.93 21.35 23.27
N ASP B 367 5.64 22.64 23.48
CA ASP B 367 5.63 23.19 24.82
C ASP B 367 4.27 22.95 25.49
N SER B 368 4.09 23.48 26.70
CA SER B 368 2.88 23.21 27.47
C SER B 368 1.63 23.85 26.85
N THR B 369 1.79 24.78 25.91
CA THR B 369 0.66 25.30 25.14
C THR B 369 0.45 24.54 23.84
N ARG B 370 1.11 23.39 23.67
CA ARG B 370 0.90 22.48 22.54
C ARG B 370 1.39 23.07 21.21
N VAL B 371 2.36 23.98 21.26
CA VAL B 371 2.97 24.60 20.08
C VAL B 371 4.41 24.11 19.96
N PRO B 372 4.86 23.70 18.78
CA PRO B 372 6.26 23.28 18.63
C PRO B 372 7.19 24.46 18.40
N ASN B 373 8.42 24.31 18.89
CA ASN B 373 9.43 25.35 18.82
C ASN B 373 10.78 24.71 18.57
N ALA B 374 11.50 25.21 17.56
CA ALA B 374 12.83 24.72 17.24
C ALA B 374 13.89 25.46 18.05
N GLY B 375 14.99 24.76 18.31
CA GLY B 375 16.10 25.31 19.06
C GLY B 375 17.35 24.46 18.87
N ILE B 376 18.29 24.59 19.80
CA ILE B 376 19.52 23.82 19.72
C ILE B 376 19.88 23.26 21.09
N MET B 377 20.54 22.11 21.06
CA MET B 377 21.09 21.43 22.23
C MET B 377 22.59 21.31 22.01
N TYR B 378 23.37 21.55 23.07
CA TYR B 378 24.82 21.58 22.90
C TYR B 378 25.51 20.86 24.06
N SER B 379 26.75 20.46 23.79
CA SER B 379 27.64 19.83 24.75
C SER B 379 29.01 20.49 24.68
N LYS B 380 29.54 20.86 25.83
CA LYS B 380 30.88 21.42 25.92
C LYS B 380 31.91 20.43 26.41
N ASP B 381 31.51 19.19 26.68
CA ASP B 381 32.38 18.19 27.28
C ASP B 381 32.36 16.90 26.46
N ARG B 382 32.39 17.03 25.14
CA ARG B 382 32.53 15.90 24.23
C ARG B 382 31.32 14.97 24.26
N GLY B 383 30.16 15.50 24.63
CA GLY B 383 28.93 14.74 24.59
C GLY B 383 28.52 14.07 25.88
N GLU B 384 29.22 14.31 26.99
CA GLU B 384 28.85 13.67 28.24
C GLU B 384 27.62 14.31 28.85
N THR B 385 27.46 15.63 28.71
CA THR B 385 26.29 16.31 29.23
C THR B 385 25.82 17.32 28.19
N TRP B 386 24.52 17.59 28.18
CA TRP B 386 23.89 18.41 27.16
C TRP B 386 22.98 19.45 27.83
N LYS B 387 22.75 20.54 27.10
CA LYS B 387 21.94 21.64 27.59
C LYS B 387 21.10 22.24 26.48
N ILE B 388 19.93 22.77 26.85
CA ILE B 388 19.08 23.56 25.97
C ILE B 388 18.74 24.85 26.69
N HIS B 389 18.89 25.98 25.99
CA HIS B 389 18.44 27.25 26.53
C HIS B 389 17.02 27.58 26.05
N ASN B 390 16.89 28.48 25.08
CA ASN B 390 15.57 28.96 24.67
C ASN B 390 15.31 28.68 23.19
N TYR B 391 14.03 28.56 22.85
CA TYR B 391 13.69 28.30 21.45
C TYR B 391 14.00 29.53 20.61
N ALA B 392 14.23 29.30 19.32
CA ALA B 392 14.52 30.41 18.42
C ALA B 392 13.25 31.08 17.90
N ARG B 393 12.23 30.30 17.62
CA ARG B 393 11.03 30.85 16.98
C ARG B 393 9.86 29.93 17.28
N THR B 394 8.69 30.52 17.51
CA THR B 394 7.50 29.74 17.82
C THR B 394 6.92 29.10 16.57
N ASN B 395 6.23 27.98 16.78
CA ASN B 395 5.54 27.25 15.71
C ASN B 395 6.51 26.87 14.60
N THR B 396 7.64 26.32 15.02
CA THR B 396 8.65 25.79 14.11
C THR B 396 9.00 24.39 14.60
N THR B 397 9.47 23.55 13.68
CA THR B 397 9.74 22.17 14.05
C THR B 397 11.15 21.75 13.66
N GLU B 398 11.30 21.07 12.51
CA GLU B 398 12.59 20.51 12.14
C GLU B 398 13.55 21.61 11.70
N ALA B 399 14.79 21.51 12.14
CA ALA B 399 15.76 22.55 11.83
C ALA B 399 17.15 21.96 11.70
N GLN B 400 18.02 22.70 11.03
CA GLN B 400 19.43 22.36 10.92
C GLN B 400 20.25 23.59 11.22
N VAL B 401 21.44 23.38 11.79
CA VAL B 401 22.26 24.45 12.31
C VAL B 401 23.62 24.40 11.64
N ALA B 402 24.20 25.58 11.40
CA ALA B 402 25.53 25.72 10.84
C ALA B 402 26.22 26.89 11.50
N GLU B 403 27.53 26.77 11.71
CA GLU B 403 28.35 27.85 12.24
C GLU B 403 28.82 28.69 11.06
N VAL B 404 28.14 29.81 10.80
CA VAL B 404 28.42 30.59 9.60
C VAL B 404 29.72 31.37 9.76
N GLU B 405 29.99 31.87 10.97
CA GLU B 405 31.31 32.38 11.32
C GLU B 405 31.55 32.02 12.77
N PRO B 406 32.80 32.11 13.26
CA PRO B 406 33.10 31.64 14.61
C PRO B 406 32.16 32.19 15.66
N GLY B 407 31.50 31.31 16.42
CA GLY B 407 30.61 31.72 17.49
C GLY B 407 29.22 32.14 17.07
N VAL B 408 28.92 32.14 15.77
CA VAL B 408 27.62 32.58 15.27
C VAL B 408 26.92 31.35 14.68
N LEU B 409 25.90 30.85 15.38
CA LEU B 409 25.15 29.70 14.90
C LEU B 409 23.90 30.17 14.16
N MET B 410 23.67 29.60 12.99
CA MET B 410 22.51 29.91 12.16
C MET B 410 21.57 28.71 12.19
N LEU B 411 20.33 28.94 12.61
CA LEU B 411 19.31 27.90 12.66
C LEU B 411 18.31 28.15 11.54
N ASN B 412 18.12 27.14 10.70
CA ASN B 412 17.29 27.18 9.51
C ASN B 412 16.15 26.18 9.72
N MET B 413 14.92 26.69 9.75
CA MET B 413 13.81 26.01 10.41
C MET B 413 12.63 25.80 9.49
N ARG B 414 12.03 24.61 9.63
CA ARG B 414 10.71 24.30 9.10
C ARG B 414 9.66 25.13 9.83
N ASP B 415 8.87 25.89 9.08
CA ASP B 415 7.96 26.86 9.66
C ASP B 415 6.53 26.49 9.30
N ASN B 416 5.70 26.23 10.31
CA ASN B 416 4.33 25.81 10.09
C ASN B 416 3.47 26.92 9.48
N ARG B 417 3.96 28.16 9.43
CA ARG B 417 3.20 29.21 8.77
C ARG B 417 3.15 29.00 7.26
N GLY B 418 4.04 28.20 6.71
CA GLY B 418 3.98 27.81 5.31
C GLY B 418 4.81 28.71 4.41
N GLY B 419 5.33 28.11 3.34
CA GLY B 419 5.87 28.84 2.23
C GLY B 419 7.37 29.10 2.24
N SER B 420 8.00 29.15 3.41
CA SER B 420 9.39 29.60 3.42
C SER B 420 10.07 29.21 4.73
N ARG B 421 11.36 28.92 4.63
CA ARG B 421 12.15 28.61 5.81
C ARG B 421 12.26 29.85 6.70
N ALA B 422 12.30 29.62 8.00
CA ALA B 422 12.65 30.68 8.94
C ALA B 422 14.13 30.54 9.29
N ILE B 423 14.80 31.67 9.51
CA ILE B 423 16.24 31.64 9.77
C ILE B 423 16.56 32.64 10.88
N SER B 424 17.21 32.17 11.93
CA SER B 424 17.65 33.04 13.02
C SER B 424 19.07 32.68 13.41
N THR B 425 19.73 33.58 14.14
CA THR B 425 21.08 33.30 14.60
C THR B 425 21.21 33.59 16.09
N THR B 426 22.19 32.92 16.70
CA THR B 426 22.52 33.11 18.10
C THR B 426 24.04 33.12 18.28
N LYS B 427 24.49 34.00 19.17
CA LYS B 427 25.89 34.05 19.57
C LYS B 427 26.10 33.56 20.99
N ASP B 428 25.05 33.11 21.68
CA ASP B 428 25.17 32.64 23.06
C ASP B 428 24.51 31.26 23.20
N LEU B 429 24.65 30.43 22.18
CA LEU B 429 24.19 29.04 22.21
C LEU B 429 22.69 28.93 22.50
N GLY B 430 21.92 29.91 22.04
CA GLY B 430 20.47 29.84 22.11
C GLY B 430 19.81 30.51 23.29
N LYS B 431 20.55 31.30 24.08
CA LYS B 431 19.91 32.10 25.11
C LYS B 431 19.07 33.21 24.47
N THR B 432 19.64 33.87 23.46
CA THR B 432 18.97 34.94 22.75
C THR B 432 19.17 34.72 21.26
N TRP B 433 18.18 35.16 20.48
CA TRP B 433 18.14 34.90 19.06
C TRP B 433 17.83 36.17 18.29
N THR B 434 18.39 36.27 17.09
CA THR B 434 18.11 37.38 16.18
C THR B 434 17.61 36.84 14.85
N GLU B 435 16.44 37.31 14.42
CA GLU B 435 15.93 36.94 13.11
C GLU B 435 16.88 37.41 12.03
N HIS B 436 17.14 36.54 11.06
CA HIS B 436 18.05 36.83 9.97
C HIS B 436 17.31 37.49 8.81
N SER B 437 18.06 38.30 8.04
CA SER B 437 17.46 39.03 6.93
C SER B 437 16.83 38.08 5.91
N SER B 438 17.42 36.90 5.70
CA SER B 438 16.89 35.92 4.76
C SER B 438 15.63 35.22 5.27
N SER B 439 15.25 35.43 6.53
CA SER B 439 14.16 34.65 7.12
C SER B 439 12.83 34.93 6.43
N ARG B 440 12.09 33.85 6.14
CA ARG B 440 10.74 33.94 5.59
C ARG B 440 10.73 34.73 4.29
N LYS B 441 11.79 34.56 3.50
CA LYS B 441 11.92 35.26 2.22
C LYS B 441 12.77 34.48 1.23
N ALA B 442 14.02 34.16 1.60
CA ALA B 442 15.01 33.74 0.62
C ALA B 442 14.86 32.29 0.18
N LEU B 443 14.31 31.42 1.03
CA LEU B 443 14.31 29.99 0.78
C LEU B 443 12.90 29.44 0.91
N GLN B 444 12.22 29.25 -0.22
CA GLN B 444 10.85 28.72 -0.19
C GLN B 444 10.87 27.27 0.24
N GLU B 445 9.75 26.82 0.79
CA GLU B 445 9.62 25.41 1.18
C GLU B 445 8.16 25.02 1.17
N PRO B 446 7.86 23.73 1.07
CA PRO B 446 6.48 23.25 1.22
C PRO B 446 6.16 22.77 2.64
N VAL B 447 7.02 23.16 3.58
CA VAL B 447 6.97 22.74 4.99
C VAL B 447 7.46 21.30 5.08
N CYS B 448 8.78 21.15 5.19
CA CYS B 448 9.48 19.89 5.00
C CYS B 448 10.86 20.04 5.63
N MET B 449 11.52 18.91 5.86
CA MET B 449 12.90 18.97 6.33
C MET B 449 13.78 19.60 5.25
N ALA B 450 14.81 20.33 5.70
CA ALA B 450 15.80 20.90 4.80
C ALA B 450 17.17 20.77 5.43
N SER B 451 18.19 20.60 4.60
CA SER B 451 19.56 20.45 5.05
C SER B 451 20.32 21.75 4.87
N LEU B 452 21.18 22.07 5.86
CA LEU B 452 22.08 23.22 5.78
C LEU B 452 23.43 22.83 6.37
N ILE B 453 24.51 23.11 5.64
CA ILE B 453 25.86 22.94 6.16
C ILE B 453 26.72 24.14 5.77
N SER B 454 27.78 24.34 6.55
CA SER B 454 28.82 25.32 6.25
C SER B 454 30.10 24.59 5.90
N VAL B 455 30.74 25.01 4.82
CA VAL B 455 32.04 24.49 4.40
C VAL B 455 33.01 25.66 4.41
N LYS B 456 34.00 25.58 5.28
CA LYS B 456 34.93 26.69 5.48
C LYS B 456 35.96 26.73 4.36
N ALA B 457 36.55 27.93 4.18
CA ALA B 457 37.40 28.18 3.02
C ALA B 457 38.52 27.15 2.90
N LYS B 458 39.13 26.79 4.03
CA LYS B 458 40.26 25.86 3.98
C LYS B 458 39.85 24.44 3.60
N ASP B 459 38.57 24.13 3.69
CA ASP B 459 38.09 22.77 3.51
C ASP B 459 37.48 22.53 2.15
N ASN B 460 37.56 23.51 1.25
CA ASN B 460 37.04 23.34 -0.11
C ASN B 460 38.01 24.00 -1.08
N VAL B 461 37.81 23.68 -2.36
CA VAL B 461 38.79 24.04 -3.39
C VAL B 461 38.60 25.44 -3.91
N LEU B 462 37.52 26.12 -3.53
CA LEU B 462 37.32 27.52 -3.88
C LEU B 462 37.99 28.48 -2.91
N ASN B 463 38.54 27.96 -1.80
CA ASN B 463 39.12 28.77 -0.73
C ASN B 463 38.19 29.92 -0.34
N LYS B 464 36.91 29.60 -0.17
CA LYS B 464 35.92 30.55 0.30
C LYS B 464 34.93 29.86 1.23
N ASP B 465 34.49 30.56 2.27
CA ASP B 465 33.40 30.07 3.11
C ASP B 465 32.13 29.99 2.28
N ILE B 466 31.45 28.84 2.33
CA ILE B 466 30.22 28.65 1.58
C ILE B 466 29.18 27.97 2.46
N LEU B 467 27.92 28.28 2.20
CA LEU B 467 26.81 27.55 2.77
C LEU B 467 26.14 26.73 1.69
N LEU B 468 25.74 25.50 2.04
CA LEU B 468 25.03 24.62 1.13
C LEU B 468 23.73 24.20 1.78
N PHE B 469 22.67 24.21 0.96
CA PHE B 469 21.31 24.03 1.42
C PHE B 469 20.60 23.07 0.47
N SER B 470 19.78 22.18 1.00
CA SER B 470 19.01 21.33 0.10
C SER B 470 17.59 21.16 0.61
N ASN B 471 16.65 21.21 -0.33
CA ASN B 471 15.25 20.95 0.02
C ASN B 471 14.42 20.82 -1.24
N PRO B 472 13.12 20.51 -1.11
CA PRO B 472 12.21 20.63 -2.26
C PRO B 472 11.98 22.10 -2.58
N ASN B 473 12.44 22.53 -3.75
CA ASN B 473 12.46 23.96 -4.10
C ASN B 473 11.08 24.36 -4.64
N THR B 474 10.10 24.34 -3.73
CA THR B 474 8.72 24.60 -4.04
C THR B 474 8.05 25.25 -2.83
N VAL B 475 6.81 25.73 -3.03
CA VAL B 475 5.91 26.04 -1.92
C VAL B 475 4.83 25.00 -1.74
N LYS B 476 4.69 24.07 -2.67
CA LYS B 476 3.65 23.06 -2.61
C LYS B 476 4.15 21.77 -3.22
N GLY B 477 4.05 20.68 -2.47
CA GLY B 477 4.53 19.39 -2.95
C GLY B 477 6.01 19.19 -2.66
N ARG B 478 6.38 17.93 -2.55
CA ARG B 478 7.77 17.54 -2.27
C ARG B 478 8.35 16.99 -3.57
N HIS B 479 8.94 17.89 -4.33
CA HIS B 479 9.54 17.57 -5.62
C HIS B 479 10.56 18.65 -5.94
N HIS B 480 11.31 18.43 -7.01
CA HIS B 480 12.42 19.30 -7.42
C HIS B 480 13.40 19.51 -6.27
N ILE B 481 13.95 18.38 -5.80
CA ILE B 481 14.98 18.43 -4.78
C ILE B 481 16.18 19.16 -5.35
N THR B 482 16.64 20.19 -4.63
CA THR B 482 17.63 21.11 -5.16
C THR B 482 18.66 21.43 -4.09
N ILE B 483 19.92 21.51 -4.52
CA ILE B 483 21.03 22.04 -3.72
C ILE B 483 21.27 23.48 -4.14
N LYS B 484 21.35 24.37 -3.16
CA LYS B 484 21.61 25.79 -3.35
C LYS B 484 22.88 26.15 -2.59
N ALA B 485 23.65 27.07 -3.16
CA ALA B 485 24.89 27.52 -2.56
C ALA B 485 24.80 29.02 -2.27
N SER B 486 25.39 29.44 -1.16
CA SER B 486 25.50 30.84 -0.80
C SER B 486 26.97 31.16 -0.56
N LEU B 487 27.43 32.25 -1.15
CA LEU B 487 28.79 32.75 -1.00
C LEU B 487 28.90 33.89 0.00
N ASP B 488 27.79 34.31 0.61
CA ASP B 488 27.79 35.45 1.53
C ASP B 488 27.04 35.10 2.81
N GLY B 489 27.36 33.95 3.38
CA GLY B 489 26.83 33.60 4.70
C GLY B 489 25.33 33.45 4.75
N GLY B 490 24.70 33.09 3.64
CA GLY B 490 23.27 32.91 3.60
C GLY B 490 22.47 34.17 3.40
N VAL B 491 23.11 35.29 3.07
CA VAL B 491 22.36 36.53 2.82
C VAL B 491 21.65 36.44 1.48
N THR B 492 22.30 35.86 0.47
CA THR B 492 21.69 35.68 -0.84
C THR B 492 21.94 34.26 -1.33
N TRP B 493 20.97 33.72 -2.04
CA TRP B 493 21.08 32.41 -2.69
C TRP B 493 20.82 32.66 -4.17
N LEU B 494 21.88 32.80 -4.95
CA LEU B 494 21.72 33.18 -6.34
C LEU B 494 21.19 32.00 -7.15
N PRO B 495 20.24 32.24 -8.06
CA PRO B 495 19.68 31.12 -8.83
C PRO B 495 20.73 30.34 -9.61
N GLU B 496 21.81 30.99 -10.07
CA GLU B 496 22.80 30.28 -10.88
C GLU B 496 23.61 29.28 -10.07
N HIS B 497 23.66 29.41 -8.74
CA HIS B 497 24.44 28.49 -7.92
C HIS B 497 23.54 27.40 -7.33
N GLN B 498 22.84 26.69 -8.20
CA GLN B 498 21.91 25.66 -7.78
C GLN B 498 21.91 24.50 -8.77
N VAL B 499 21.68 23.29 -8.25
CA VAL B 499 21.59 22.08 -9.05
C VAL B 499 20.30 21.35 -8.67
N MET B 500 19.43 21.14 -9.65
CA MET B 500 18.16 20.47 -9.42
C MET B 500 18.36 18.98 -9.72
N LEU B 501 18.26 18.15 -8.68
CA LEU B 501 18.61 16.74 -8.79
C LEU B 501 17.43 15.81 -9.10
N ASP B 502 16.21 16.20 -8.76
CA ASP B 502 15.09 15.26 -8.84
C ASP B 502 13.79 16.04 -9.01
N GLU B 503 13.30 16.10 -10.25
CA GLU B 503 12.01 16.72 -10.55
C GLU B 503 10.83 15.90 -10.06
N GLY B 504 11.04 14.63 -9.71
CA GLY B 504 9.94 13.77 -9.31
C GLY B 504 9.47 14.05 -7.90
N GLU B 505 8.37 13.39 -7.55
CA GLU B 505 7.75 13.53 -6.24
C GLU B 505 8.29 12.47 -5.29
N GLY B 506 8.46 12.86 -4.03
CA GLY B 506 8.91 11.94 -3.01
C GLY B 506 8.59 12.47 -1.64
N TRP B 507 9.21 11.85 -0.63
CA TRP B 507 8.98 12.27 0.75
C TRP B 507 9.78 13.50 1.15
N GLY B 508 10.79 13.90 0.36
CA GLY B 508 11.31 15.25 0.40
C GLY B 508 12.53 15.50 1.29
N TYR B 509 12.85 14.61 2.21
CA TYR B 509 13.93 14.91 3.16
C TYR B 509 15.30 14.67 2.52
N SER B 510 16.31 15.40 3.02
CA SER B 510 17.65 15.34 2.45
C SER B 510 18.69 15.71 3.50
N CYS B 511 19.93 15.26 3.27
CA CYS B 511 21.03 15.68 4.13
C CYS B 511 22.34 15.73 3.35
N LEU B 512 23.06 16.84 3.53
CA LEU B 512 24.28 17.15 2.82
C LEU B 512 25.53 16.88 3.67
N THR B 513 26.64 16.68 2.96
CA THR B 513 27.96 16.57 3.56
C THR B 513 28.98 16.84 2.47
N MET B 514 30.22 17.04 2.87
CA MET B 514 31.33 17.16 1.93
C MET B 514 32.06 15.81 1.89
N ILE B 515 32.04 15.17 0.72
CA ILE B 515 32.82 13.96 0.54
C ILE B 515 34.30 14.28 0.63
N ASP B 516 34.72 15.36 -0.03
CA ASP B 516 36.10 15.79 -0.04
C ASP B 516 36.14 17.25 -0.48
N LYS B 517 37.36 17.78 -0.57
CA LYS B 517 37.54 19.22 -0.78
C LYS B 517 36.86 19.74 -2.03
N GLU B 518 36.47 18.88 -2.96
CA GLU B 518 35.82 19.34 -4.17
C GLU B 518 34.49 18.64 -4.47
N THR B 519 33.98 17.80 -3.56
CA THR B 519 32.79 17.02 -3.87
C THR B 519 31.76 17.08 -2.75
N ILE B 520 30.52 17.39 -3.11
CA ILE B 520 29.37 17.36 -2.21
C ILE B 520 28.75 15.97 -2.28
N GLY B 521 28.31 15.47 -1.13
CA GLY B 521 27.49 14.27 -1.08
C GLY B 521 26.12 14.62 -0.54
N ILE B 522 25.09 13.97 -1.07
CA ILE B 522 23.72 14.18 -0.60
C ILE B 522 23.04 12.82 -0.49
N LEU B 523 22.35 12.61 0.63
CA LEU B 523 21.51 11.45 0.84
C LEU B 523 20.10 11.95 1.04
N TYR B 524 19.16 11.49 0.22
CA TYR B 524 17.84 12.05 0.30
C TYR B 524 16.78 11.06 -0.16
N GLU B 525 15.55 11.35 0.27
CA GLU B 525 14.37 10.63 -0.17
C GLU B 525 14.00 11.16 -1.55
N SER B 526 14.08 10.30 -2.56
CA SER B 526 13.91 10.73 -3.94
C SER B 526 12.71 10.03 -4.57
N SER B 527 12.48 10.33 -5.85
CA SER B 527 11.44 9.69 -6.63
C SER B 527 11.86 8.32 -7.16
N VAL B 528 13.11 7.91 -6.95
CA VAL B 528 13.62 6.67 -7.52
C VAL B 528 14.11 5.69 -6.47
N ALA B 529 14.34 6.12 -5.23
CA ALA B 529 14.79 5.22 -4.18
C ALA B 529 14.58 5.87 -2.82
N HIS B 530 14.22 5.06 -1.82
CA HIS B 530 13.93 5.60 -0.49
C HIS B 530 15.12 6.34 0.09
N MET B 531 16.32 5.80 -0.07
CA MET B 531 17.56 6.49 0.29
C MET B 531 18.43 6.54 -0.96
N THR B 532 18.62 7.75 -1.49
CA THR B 532 19.38 7.97 -2.71
C THR B 532 20.60 8.80 -2.38
N PHE B 533 21.77 8.32 -2.81
CA PHE B 533 23.02 9.04 -2.62
C PHE B 533 23.51 9.56 -3.96
N GLN B 534 23.93 10.83 -3.98
CA GLN B 534 24.54 11.41 -5.16
C GLN B 534 25.74 12.24 -4.75
N ALA B 535 26.72 12.29 -5.65
CA ALA B 535 27.92 13.09 -5.52
C ALA B 535 27.89 14.18 -6.58
N VAL B 536 28.13 15.43 -6.16
CA VAL B 536 28.06 16.60 -7.05
C VAL B 536 29.32 17.42 -6.86
N GLN B 537 30.07 17.63 -7.94
CA GLN B 537 31.27 18.43 -7.84
C GLN B 537 30.95 19.87 -7.46
N LEU B 538 31.72 20.42 -6.52
CA LEU B 538 31.49 21.77 -6.05
C LEU B 538 31.52 22.78 -7.20
N ARG B 539 32.39 22.57 -8.19
CA ARG B 539 32.47 23.50 -9.32
C ARG B 539 31.23 23.45 -10.20
N ASP B 540 30.50 22.35 -10.21
CA ASP B 540 29.24 22.31 -10.94
C ASP B 540 28.25 23.32 -10.41
N ILE B 541 28.30 23.61 -9.11
CA ILE B 541 27.28 24.45 -8.48
C ILE B 541 27.79 25.89 -8.39
N ILE B 542 29.09 26.08 -8.24
CA ILE B 542 29.70 27.41 -8.26
C ILE B 542 30.69 27.43 -9.41
N LYS B 543 30.21 27.80 -10.60
CA LYS B 543 31.04 27.81 -11.80
C LYS B 543 31.93 29.05 -11.81
#